data_4OP3
#
_entry.id   4OP3
#
_cell.length_a   148.913
_cell.length_b   148.913
_cell.length_c   132.403
_cell.angle_alpha   90.00
_cell.angle_beta   90.00
_cell.angle_gamma   120.00
#
_symmetry.space_group_name_H-M   'P 65'
#
loop_
_entity.id
_entity.type
_entity.pdbx_description
1 polymer 'Glucokinase Regulatory Protein'
2 non-polymer "(2S)-2-{6'-[(6-aminopyridin-3-yl)sulfonyl]-2'-(phenylamino)-2,3'-bipyridin-5-yl}-1,1,1-trifluoropropan-2-ol"
3 non-polymer D-SORBITOL-6-PHOSPHATE
4 non-polymer 'IODIDE ION'
5 non-polymer GLYCEROL
6 non-polymer 'SULFATE ION'
7 water water
#
_entity_poly.entity_id   1
_entity_poly.type   'polypeptide(L)'
_entity_poly.pdbx_seq_one_letter_code
;MAHHHHHHDEVDMPGTKRFQHVIETPEPGKWELSGYEAAVPITEKSNPLTQDLDKADAENIVRLLGQCDAEIFQEEGQAL
STYQRLYSESILTTMVQVAGKVQEVLKEPDGGLVVLSGGGTSGRMAFLMSVSFNQLMKGLGQKPLYTYLIAGGDRSVVAS
REGTEDSALHGIEELKKVAAGKKRVIVIGISVGLSAPFVAGQMDCCMNNTAVFLPVLVGFNPVSMARNDPIEDWSSTFRQ
VAERMQKMQEKQKAFVLNPAIGPEGLSGSSRMKGGSATKILLETLLLAAHKTVDQGIAASQRCLLEILRTFERAHQVTYS
QSPKIATLMKSVSTSLEKKGHVYLVGWQTLGIIAIMDGVECIHTFGADFRDVRGFLIGDHSDMFNQKAELTNQGPQFTFS
QEDFLTSILPSLTEIDTVVFIFTLDDNLTEVQTIVEQVKEKTNHIQALAHSTVGQTLPIPLKKLFPSIISITWPLLFFEY
EGNFIQKFQRELSTKWVLNTVSTGAHVLLGKILQNHMLDLRISNSKLFWRALAMLQRFSGQSKARCIESLLRAIHFPQPL
SDDIRAAPISCHVQVAHEKEQVIPIALLSLLFRCSITEAQAHLAAAPSVCEAVRSALAGPGQKRTADPLEILEPDVQG
;
_entity_poly.pdbx_strand_id   A,B
#
loop_
_chem_comp.id
_chem_comp.type
_chem_comp.name
_chem_comp.formula
2UY non-polymer (2S)-2-{6'-[(6-aminopyridin-3-yl)sulfonyl]-2'-(phenylamino)-2,3'-bipyridin-5-yl}-1,1,1-trifluoropropan-2-ol 'C24 H20 F3 N5 O3 S'
GOL non-polymer GLYCEROL 'C3 H8 O3'
IOD non-polymer 'IODIDE ION' 'I -1'
S6P D-saccharide D-SORBITOL-6-PHOSPHATE 'C6 H15 O9 P'
SO4 non-polymer 'SULFATE ION' 'O4 S -2'
#
# COMPACT_ATOMS: atom_id res chain seq x y z
N MET A 13 18.42 9.21 -10.07
CA MET A 13 19.30 8.56 -11.07
C MET A 13 18.72 7.21 -11.45
N PRO A 14 19.10 6.65 -12.62
CA PRO A 14 18.57 5.33 -12.99
C PRO A 14 19.02 4.22 -12.03
N GLY A 15 18.05 3.51 -11.47
CA GLY A 15 18.30 2.53 -10.43
C GLY A 15 18.02 3.00 -9.02
N THR A 16 17.98 4.31 -8.77
CA THR A 16 17.89 4.78 -7.38
C THR A 16 16.66 4.26 -6.64
N LYS A 17 15.46 4.40 -7.23
CA LYS A 17 14.22 3.91 -6.58
C LYS A 17 14.25 2.38 -6.28
N ARG A 18 14.76 1.58 -7.21
CA ARG A 18 14.71 0.11 -7.05
C ARG A 18 15.58 -0.40 -5.87
N PHE A 19 16.67 0.31 -5.58
CA PHE A 19 17.64 -0.14 -4.61
C PHE A 19 17.63 0.77 -3.41
N GLN A 20 16.57 1.55 -3.28
CA GLN A 20 16.46 2.67 -2.31
C GLN A 20 16.58 2.21 -0.88
N HIS A 21 15.81 1.20 -0.55
CA HIS A 21 15.83 0.60 0.77
C HIS A 21 17.16 -0.04 1.22
N VAL A 22 18.09 -0.27 0.30
CA VAL A 22 19.28 -1.05 0.60
C VAL A 22 20.22 -0.14 1.36
N ILE A 23 20.55 -0.49 2.60
CA ILE A 23 21.47 0.32 3.43
C ILE A 23 22.88 0.25 2.83
N GLU A 24 23.64 1.34 2.89
CA GLU A 24 25.06 1.34 2.42
C GLU A 24 25.88 0.38 3.25
N THR A 25 26.92 -0.12 2.61
CA THR A 25 27.85 -1.06 3.21
C THR A 25 28.59 -0.36 4.31
N PRO A 26 28.57 -0.91 5.51
CA PRO A 26 29.38 -0.30 6.55
C PRO A 26 30.86 -0.17 6.18
N GLU A 27 31.52 0.83 6.74
CA GLU A 27 32.99 0.90 6.72
C GLU A 27 33.61 -0.25 7.52
N PRO A 28 34.88 -0.58 7.24
CA PRO A 28 35.41 -1.79 7.88
C PRO A 28 35.36 -1.65 9.38
N GLY A 29 34.92 -2.70 10.07
CA GLY A 29 34.95 -2.71 11.52
C GLY A 29 33.84 -1.93 12.21
N LYS A 30 33.12 -1.08 11.48
CA LYS A 30 31.96 -0.40 12.06
C LYS A 30 30.64 -1.12 11.71
N TRP A 31 30.71 -2.44 11.52
CA TRP A 31 29.56 -3.20 11.04
C TRP A 31 28.40 -3.18 12.04
N GLU A 32 28.74 -3.36 13.31
CA GLU A 32 27.80 -3.16 14.42
C GLU A 32 27.26 -1.70 14.54
N LEU A 33 28.17 -0.72 14.48
CA LEU A 33 27.87 0.72 14.75
C LEU A 33 27.41 1.61 13.56
N SER A 34 27.12 0.96 12.44
CA SER A 34 26.39 1.58 11.34
C SER A 34 24.91 1.23 11.44
N GLY A 35 24.58 0.19 12.21
CA GLY A 35 23.20 -0.25 12.33
C GLY A 35 22.58 -0.59 10.99
N TYR A 36 23.41 -0.93 10.02
CA TYR A 36 22.98 -1.79 8.93
C TYR A 36 22.62 -3.10 9.62
N GLU A 37 23.45 -3.54 10.58
CA GLU A 37 23.30 -4.87 11.17
C GLU A 37 22.01 -5.02 12.02
N ALA A 38 21.53 -3.92 12.59
CA ALA A 38 20.29 -3.93 13.38
C ALA A 38 19.01 -3.89 12.51
N ALA A 39 19.15 -3.59 11.23
CA ALA A 39 18.02 -3.66 10.32
C ALA A 39 17.93 -5.00 9.60
N VAL A 40 18.97 -5.85 9.72
CA VAL A 40 18.96 -7.15 9.07
C VAL A 40 17.91 -7.97 9.78
N PRO A 41 16.82 -8.29 9.11
CA PRO A 41 15.76 -9.05 9.79
C PRO A 41 16.32 -10.27 10.47
N ILE A 42 15.77 -10.64 11.63
CA ILE A 42 16.34 -11.80 12.37
C ILE A 42 16.49 -12.97 11.45
N THR A 43 15.48 -13.25 10.63
CA THR A 43 15.48 -14.40 9.73
C THR A 43 16.69 -14.45 8.80
N GLU A 44 17.20 -13.30 8.38
CA GLU A 44 18.37 -13.28 7.50
C GLU A 44 19.70 -13.21 8.25
N LYS A 45 19.66 -13.00 9.56
CA LYS A 45 20.87 -12.80 10.33
C LYS A 45 21.77 -14.01 10.25
N SER A 46 23.06 -13.76 10.47
CA SER A 46 24.06 -14.80 10.71
C SER A 46 24.04 -15.21 12.18
N ASN A 47 23.64 -16.44 12.46
CA ASN A 47 23.66 -16.92 13.85
C ASN A 47 25.12 -17.02 14.32
N PRO A 48 25.48 -16.35 15.44
CA PRO A 48 26.85 -16.42 16.03
C PRO A 48 27.32 -17.85 16.41
N LEU A 49 26.43 -18.65 16.97
CA LEU A 49 26.74 -20.07 17.18
C LEU A 49 27.38 -20.76 15.94
N THR A 50 27.03 -20.35 14.73
CA THR A 50 27.55 -21.05 13.57
C THR A 50 28.52 -20.23 12.78
N GLN A 51 29.21 -19.28 13.42
CA GLN A 51 30.30 -18.51 12.78
C GLN A 51 31.17 -19.43 11.94
N ASP A 52 31.50 -20.62 12.46
CA ASP A 52 32.50 -21.50 11.83
C ASP A 52 31.95 -22.86 11.35
N LEU A 53 30.72 -22.87 10.91
CA LEU A 53 30.07 -24.13 10.53
C LEU A 53 30.82 -24.86 9.41
N ASP A 54 31.49 -24.07 8.56
CA ASP A 54 32.28 -24.62 7.46
C ASP A 54 33.51 -25.41 7.99
N LYS A 55 33.86 -25.23 9.26
CA LYS A 55 34.96 -26.00 9.88
C LYS A 55 34.51 -27.08 10.88
N ALA A 56 33.28 -27.02 11.35
CA ALA A 56 32.83 -28.07 12.22
C ALA A 56 32.86 -29.39 11.47
N ASP A 57 33.14 -30.48 12.20
CA ASP A 57 32.93 -31.84 11.71
C ASP A 57 31.46 -32.24 11.91
N ALA A 58 31.11 -33.49 11.64
CA ALA A 58 29.71 -33.86 11.62
C ALA A 58 29.05 -33.85 13.00
N GLU A 59 29.87 -33.94 14.04
CA GLU A 59 29.36 -34.10 15.40
C GLU A 59 29.09 -32.69 15.98
N ASN A 60 30.07 -31.81 15.82
CA ASN A 60 29.84 -30.37 16.02
C ASN A 60 28.61 -29.78 15.27
N ILE A 61 28.44 -30.18 14.00
CA ILE A 61 27.34 -29.66 13.21
C ILE A 61 26.05 -30.00 13.92
N VAL A 62 25.84 -31.30 14.20
CA VAL A 62 24.66 -31.76 14.94
C VAL A 62 24.47 -31.02 16.26
N ARG A 63 25.57 -30.75 16.94
CA ARG A 63 25.49 -30.00 18.16
C ARG A 63 24.98 -28.59 17.84
N LEU A 64 25.69 -27.89 16.96
CA LEU A 64 25.42 -26.47 16.70
C LEU A 64 24.00 -26.26 16.16
N LEU A 65 23.55 -27.09 15.23
CA LEU A 65 22.16 -27.01 14.77
C LEU A 65 21.13 -27.44 15.82
N GLY A 66 21.46 -28.44 16.63
CA GLY A 66 20.59 -28.86 17.73
C GLY A 66 20.53 -27.73 18.75
N GLN A 67 21.62 -26.98 18.84
CA GLN A 67 21.65 -25.80 19.65
C GLN A 67 20.78 -24.72 19.01
N CYS A 68 20.96 -24.46 17.72
CA CYS A 68 20.14 -23.48 17.00
C CYS A 68 18.63 -23.80 17.15
N ASP A 69 18.24 -25.03 16.83
CA ASP A 69 16.86 -25.50 17.05
C ASP A 69 16.30 -25.20 18.45
N ALA A 70 17.14 -25.29 19.45
CA ALA A 70 16.75 -25.00 20.84
C ALA A 70 16.34 -23.56 21.07
N GLU A 71 16.92 -22.64 20.32
CA GLU A 71 16.61 -21.22 20.49
C GLU A 71 15.10 -20.97 20.29
N ILE A 72 14.38 -21.89 19.66
CA ILE A 72 12.92 -21.75 19.54
C ILE A 72 12.24 -21.71 20.92
N PHE A 73 12.75 -22.48 21.83
CA PHE A 73 12.13 -22.62 23.11
C PHE A 73 12.67 -21.65 24.18
N GLN A 74 13.80 -21.03 23.87
CA GLN A 74 14.43 -20.08 24.76
C GLN A 74 13.47 -18.92 25.06
N GLU A 75 13.52 -18.42 26.30
CA GLU A 75 12.60 -17.38 26.80
C GLU A 75 13.15 -15.96 26.63
N GLU A 76 12.29 -14.98 26.87
CA GLU A 76 12.64 -13.57 26.71
C GLU A 76 13.60 -13.08 27.80
N GLY A 77 14.61 -12.34 27.37
CA GLY A 77 15.53 -11.65 28.27
C GLY A 77 14.96 -10.34 28.82
N GLN A 78 15.80 -9.66 29.63
CA GLN A 78 15.43 -8.46 30.42
C GLN A 78 15.95 -7.13 29.84
N SER A 81 14.70 -5.38 27.82
CA SER A 81 14.73 -4.58 26.60
C SER A 81 15.12 -5.40 25.33
N THR A 82 14.17 -6.16 24.77
CA THR A 82 14.45 -7.20 23.74
C THR A 82 13.17 -7.77 23.09
N TYR A 83 13.33 -8.68 22.11
CA TYR A 83 12.18 -9.18 21.29
C TYR A 83 11.30 -10.28 21.92
N GLN A 84 10.00 -10.08 21.92
CA GLN A 84 9.06 -11.15 22.31
C GLN A 84 9.38 -12.57 21.71
N ARG A 85 9.23 -13.58 22.55
CA ARG A 85 9.51 -14.95 22.15
C ARG A 85 8.32 -15.90 22.35
N LEU A 86 8.52 -17.15 21.94
CA LEU A 86 7.44 -18.11 21.90
C LEU A 86 6.72 -18.18 23.22
N TYR A 87 7.49 -18.26 24.32
CA TYR A 87 6.93 -18.39 25.68
C TYR A 87 6.64 -17.05 26.36
N SER A 88 6.84 -15.95 25.66
CA SER A 88 6.40 -14.70 26.17
C SER A 88 4.88 -14.61 26.20
N GLU A 89 4.41 -13.75 27.08
CA GLU A 89 3.01 -13.67 27.48
C GLU A 89 2.19 -12.96 26.40
N SER A 90 2.79 -11.99 25.74
CA SER A 90 2.15 -11.36 24.58
C SER A 90 1.87 -12.42 23.48
N ILE A 91 2.85 -13.27 23.17
CA ILE A 91 2.65 -14.31 22.17
C ILE A 91 1.58 -15.28 22.63
N LEU A 92 1.71 -15.86 23.83
CA LEU A 92 0.74 -16.86 24.31
C LEU A 92 -0.64 -16.26 24.41
N THR A 93 -0.73 -15.00 24.84
CA THR A 93 -2.01 -14.30 24.85
C THR A 93 -2.61 -14.21 23.46
N THR A 94 -1.79 -13.95 22.43
CA THR A 94 -2.32 -13.98 21.06
C THR A 94 -2.78 -15.38 20.61
N MET A 95 -1.99 -16.41 20.97
CA MET A 95 -2.32 -17.79 20.61
C MET A 95 -3.67 -18.14 21.19
N VAL A 96 -3.91 -17.68 22.42
CA VAL A 96 -5.19 -17.95 23.08
C VAL A 96 -6.30 -17.28 22.31
N GLN A 97 -6.23 -15.96 22.16
CA GLN A 97 -7.22 -15.21 21.36
C GLN A 97 -7.53 -15.81 19.96
N VAL A 98 -6.50 -16.27 19.26
CA VAL A 98 -6.69 -16.87 17.94
C VAL A 98 -7.45 -18.16 18.10
N ALA A 99 -6.92 -19.08 18.92
CA ALA A 99 -7.59 -20.33 19.26
C ALA A 99 -9.10 -20.11 19.48
N GLY A 100 -9.43 -19.11 20.28
CA GLY A 100 -10.80 -18.69 20.46
C GLY A 100 -11.53 -18.35 19.16
N LYS A 101 -10.88 -17.65 18.24
CA LYS A 101 -11.50 -17.33 16.95
C LYS A 101 -11.75 -18.56 16.10
N VAL A 102 -10.86 -19.56 16.22
CA VAL A 102 -11.06 -20.86 15.53
C VAL A 102 -12.27 -21.58 16.14
N GLN A 103 -12.45 -21.42 17.45
CA GLN A 103 -13.64 -21.96 18.08
C GLN A 103 -14.92 -21.43 17.43
N GLU A 104 -15.11 -20.11 17.33
CA GLU A 104 -16.32 -19.53 16.68
C GLU A 104 -16.67 -20.31 15.43
N VAL A 105 -15.65 -20.60 14.62
CA VAL A 105 -15.81 -21.32 13.35
C VAL A 105 -16.13 -22.79 13.59
N LEU A 106 -15.43 -23.45 14.51
CA LEU A 106 -15.71 -24.86 14.78
C LEU A 106 -17.16 -25.09 15.24
N LYS A 107 -17.72 -24.10 15.93
CA LYS A 107 -19.13 -24.12 16.39
C LYS A 107 -20.12 -23.98 15.25
N GLU A 108 -19.86 -23.06 14.33
CA GLU A 108 -20.71 -22.87 13.17
C GLU A 108 -19.91 -23.28 11.91
N PRO A 109 -19.87 -24.57 11.59
CA PRO A 109 -19.17 -25.03 10.37
C PRO A 109 -19.87 -24.80 9.04
N ASP A 110 -21.17 -24.45 9.06
CA ASP A 110 -21.89 -24.18 7.79
C ASP A 110 -21.51 -22.80 7.26
N GLY A 111 -20.62 -22.80 6.27
CA GLY A 111 -20.07 -21.56 5.72
C GLY A 111 -18.68 -21.23 6.24
N GLY A 112 -18.15 -22.09 7.10
CA GLY A 112 -16.88 -21.85 7.76
C GLY A 112 -15.79 -22.48 6.96
N LEU A 113 -14.58 -21.94 7.08
CA LEU A 113 -13.39 -22.46 6.40
C LEU A 113 -12.21 -21.93 7.16
N VAL A 114 -11.13 -22.71 7.23
CA VAL A 114 -9.87 -22.26 7.84
C VAL A 114 -8.80 -22.54 6.84
N VAL A 115 -8.07 -21.50 6.42
CA VAL A 115 -7.03 -21.62 5.39
C VAL A 115 -5.65 -21.37 5.95
N LEU A 116 -4.72 -22.27 5.67
CA LEU A 116 -3.29 -22.10 6.00
C LEU A 116 -2.44 -21.95 4.70
N SER A 117 -1.79 -20.81 4.54
CA SER A 117 -1.25 -20.41 3.26
C SER A 117 0.18 -19.99 3.40
N GLY A 118 0.98 -20.25 2.40
CA GLY A 118 2.40 -19.95 2.53
C GLY A 118 3.14 -20.32 1.27
N GLY A 119 4.26 -19.67 1.01
CA GLY A 119 5.13 -20.03 -0.13
C GLY A 119 6.10 -21.05 0.38
N GLY A 120 6.63 -21.90 -0.47
CA GLY A 120 7.77 -22.74 -0.09
C GLY A 120 7.48 -23.64 1.12
N THR A 121 8.49 -23.78 1.98
CA THR A 121 8.34 -24.59 3.15
C THR A 121 7.15 -24.14 3.98
N SER A 122 6.81 -22.84 3.97
CA SER A 122 5.63 -22.40 4.71
C SER A 122 4.43 -23.10 4.16
N GLY A 123 4.33 -23.15 2.84
CA GLY A 123 3.22 -23.83 2.18
C GLY A 123 3.24 -25.34 2.43
N ARG A 124 4.44 -25.93 2.42
CA ARG A 124 4.55 -27.32 2.75
C ARG A 124 4.01 -27.62 4.17
N MET A 125 4.45 -26.84 5.15
CA MET A 125 3.97 -27.01 6.49
C MET A 125 2.48 -26.79 6.55
N ALA A 126 1.96 -25.84 5.79
CA ALA A 126 0.50 -25.59 5.83
C ALA A 126 -0.32 -26.84 5.41
N PHE A 127 0.23 -27.55 4.43
CA PHE A 127 -0.37 -28.74 3.85
C PHE A 127 -0.51 -29.85 4.91
N LEU A 128 0.63 -30.24 5.50
CA LEU A 128 0.68 -31.27 6.53
C LEU A 128 -0.37 -30.97 7.60
N MET A 129 -0.23 -29.82 8.22
CA MET A 129 -1.18 -29.35 9.21
C MET A 129 -2.62 -29.45 8.74
N SER A 130 -2.98 -28.86 7.60
CA SER A 130 -4.38 -28.93 7.12
C SER A 130 -4.90 -30.36 7.04
N VAL A 131 -4.02 -31.32 6.80
CA VAL A 131 -4.42 -32.72 6.74
C VAL A 131 -4.72 -33.22 8.16
N SER A 132 -3.68 -33.26 8.99
CA SER A 132 -3.89 -33.54 10.39
C SER A 132 -5.22 -33.01 10.93
N PHE A 133 -5.52 -31.73 10.85
CA PHE A 133 -6.78 -31.21 11.45
C PHE A 133 -8.04 -31.59 10.66
N ASN A 134 -7.83 -32.00 9.41
CA ASN A 134 -8.91 -32.60 8.62
C ASN A 134 -9.17 -34.03 9.10
N GLN A 135 -8.11 -34.82 9.25
CA GLN A 135 -8.25 -36.13 9.88
C GLN A 135 -9.05 -35.99 11.23
N LEU A 136 -8.53 -35.18 12.17
CA LEU A 136 -9.13 -35.02 13.49
C LEU A 136 -10.67 -34.77 13.53
N MET A 137 -11.19 -34.15 12.49
CA MET A 137 -12.61 -33.90 12.39
C MET A 137 -13.35 -35.05 11.67
N LYS A 138 -12.70 -35.70 10.70
CA LYS A 138 -13.15 -37.00 10.15
C LYS A 138 -13.43 -37.98 11.33
N GLY A 139 -12.39 -38.25 12.13
CA GLY A 139 -12.47 -39.06 13.32
C GLY A 139 -13.51 -38.66 14.37
N LEU A 140 -14.04 -37.43 14.31
CA LEU A 140 -15.21 -37.04 15.12
C LEU A 140 -16.55 -36.96 14.31
N GLY A 141 -16.52 -37.35 13.01
CA GLY A 141 -17.70 -37.26 12.13
C GLY A 141 -18.16 -35.84 11.85
N GLN A 142 -17.19 -34.92 11.83
CA GLN A 142 -17.40 -33.51 11.49
C GLN A 142 -16.84 -33.28 10.08
N LYS A 143 -17.46 -32.35 9.35
CA LYS A 143 -16.96 -32.04 8.00
C LYS A 143 -15.59 -31.39 8.13
N PRO A 144 -14.65 -31.80 7.26
CA PRO A 144 -13.36 -31.12 7.37
C PRO A 144 -13.49 -29.61 7.06
N LEU A 145 -13.03 -28.75 7.97
CA LEU A 145 -13.02 -27.28 7.75
C LEU A 145 -11.69 -26.71 7.24
N TYR A 146 -10.62 -27.51 7.25
CA TYR A 146 -9.33 -27.01 6.89
C TYR A 146 -9.08 -27.18 5.42
N THR A 147 -8.18 -26.32 4.94
CA THR A 147 -7.63 -26.40 3.60
C THR A 147 -6.32 -25.63 3.60
N TYR A 148 -5.58 -25.70 2.50
CA TYR A 148 -4.29 -25.01 2.40
C TYR A 148 -4.15 -24.28 1.09
N LEU A 149 -3.29 -23.27 1.07
CA LEU A 149 -2.84 -22.67 -0.18
C LEU A 149 -1.32 -22.71 -0.18
N ILE A 150 -0.71 -23.06 -1.32
CA ILE A 150 0.73 -22.93 -1.50
C ILE A 150 1.05 -22.23 -2.84
N ALA A 151 1.87 -21.19 -2.75
CA ALA A 151 2.35 -20.46 -3.91
C ALA A 151 2.75 -21.44 -5.03
N GLY A 152 2.00 -21.30 -6.12
CA GLY A 152 2.21 -21.98 -7.39
C GLY A 152 1.30 -23.17 -7.56
N GLY A 153 0.23 -23.25 -6.77
CA GLY A 153 -0.62 -24.44 -6.65
C GLY A 153 0.02 -25.73 -6.13
N ASP A 154 -0.81 -26.75 -6.01
CA ASP A 154 -0.47 -27.96 -5.28
C ASP A 154 0.71 -28.72 -5.89
N ARG A 155 0.96 -28.54 -7.17
CA ARG A 155 2.20 -29.05 -7.74
C ARG A 155 3.33 -28.63 -6.80
N SER A 156 3.27 -27.38 -6.31
CA SER A 156 4.36 -26.77 -5.48
C SER A 156 4.74 -27.54 -4.20
N VAL A 157 3.75 -28.17 -3.54
CA VAL A 157 3.94 -28.90 -2.26
C VAL A 157 5.18 -29.79 -2.23
N VAL A 158 5.45 -30.49 -3.34
CA VAL A 158 6.54 -31.47 -3.42
C VAL A 158 7.56 -31.11 -4.50
N ALA A 159 7.48 -29.89 -4.98
CA ALA A 159 8.39 -29.36 -5.97
C ALA A 159 9.30 -28.28 -5.38
N SER A 160 10.43 -28.02 -6.08
CA SER A 160 11.22 -26.78 -5.91
C SER A 160 10.68 -25.78 -6.88
N ARG A 161 9.94 -24.80 -6.37
CA ARG A 161 9.35 -23.77 -7.19
C ARG A 161 9.48 -22.38 -6.51
N GLU A 162 10.72 -21.93 -6.33
CA GLU A 162 11.00 -20.69 -5.58
C GLU A 162 10.40 -19.40 -6.18
N GLY A 163 10.31 -19.34 -7.52
CA GLY A 163 9.84 -18.16 -8.23
C GLY A 163 8.40 -17.78 -7.98
N THR A 164 7.60 -18.73 -7.54
CA THR A 164 6.17 -18.51 -7.47
C THR A 164 5.66 -17.68 -6.31
N GLU A 165 6.49 -17.38 -5.31
CA GLU A 165 6.05 -16.55 -4.17
C GLU A 165 5.92 -14.99 -4.40
N ASP A 166 6.28 -14.51 -5.60
CA ASP A 166 6.51 -13.07 -5.79
C ASP A 166 5.30 -12.27 -6.23
N SER A 167 4.18 -12.93 -6.53
CA SER A 167 2.95 -12.24 -6.97
C SER A 167 1.90 -12.17 -5.87
N ALA A 168 1.59 -10.96 -5.42
CA ALA A 168 0.45 -10.75 -4.52
C ALA A 168 -0.88 -11.15 -5.19
N LEU A 169 -1.07 -10.81 -6.46
CA LEU A 169 -2.32 -11.14 -7.16
C LEU A 169 -2.54 -12.64 -7.15
N HIS A 170 -1.52 -13.39 -7.55
CA HIS A 170 -1.62 -14.83 -7.45
C HIS A 170 -2.16 -15.28 -6.06
N GLY A 171 -1.53 -14.84 -4.98
CA GLY A 171 -1.99 -15.23 -3.65
C GLY A 171 -3.47 -14.98 -3.50
N ILE A 172 -3.91 -13.80 -3.94
CA ILE A 172 -5.28 -13.36 -3.79
C ILE A 172 -6.23 -14.22 -4.62
N GLU A 173 -5.76 -14.74 -5.74
CA GLU A 173 -6.58 -15.53 -6.68
C GLU A 173 -6.85 -16.89 -6.03
N GLU A 174 -5.77 -17.60 -5.68
CA GLU A 174 -5.83 -18.84 -4.91
C GLU A 174 -6.75 -18.71 -3.69
N LEU A 175 -6.70 -17.55 -3.02
CA LEU A 175 -7.55 -17.31 -1.86
C LEU A 175 -9.01 -17.05 -2.24
N LYS A 176 -9.26 -16.26 -3.30
CA LYS A 176 -10.62 -16.09 -3.82
C LYS A 176 -11.28 -17.40 -4.26
N LYS A 177 -10.48 -18.33 -4.80
CA LYS A 177 -11.01 -19.61 -5.33
C LYS A 177 -11.60 -20.38 -4.18
N VAL A 178 -10.72 -20.75 -3.27
CA VAL A 178 -11.04 -21.54 -2.08
C VAL A 178 -12.14 -20.91 -1.18
N ALA A 179 -12.18 -19.58 -1.05
CA ALA A 179 -13.20 -18.93 -0.21
C ALA A 179 -14.58 -18.83 -0.85
N ALA A 180 -14.72 -19.40 -2.05
CA ALA A 180 -16.02 -19.73 -2.72
C ALA A 180 -17.18 -18.89 -2.24
N GLY A 181 -18.18 -19.49 -1.60
CA GLY A 181 -19.27 -18.72 -1.00
C GLY A 181 -19.35 -19.06 0.47
N LYS A 182 -18.20 -19.02 1.13
CA LYS A 182 -18.09 -19.32 2.55
C LYS A 182 -18.47 -18.04 3.28
N LYS A 183 -19.03 -18.15 4.48
CA LYS A 183 -19.47 -16.95 5.22
C LYS A 183 -18.49 -16.47 6.29
N ARG A 184 -17.55 -17.34 6.70
CA ARG A 184 -16.55 -17.05 7.74
C ARG A 184 -15.22 -17.78 7.45
N VAL A 185 -14.18 -17.04 7.07
CA VAL A 185 -12.92 -17.66 6.67
C VAL A 185 -11.75 -17.14 7.51
N ILE A 186 -11.10 -18.04 8.25
CA ILE A 186 -9.88 -17.69 8.95
C ILE A 186 -8.75 -18.00 7.99
N VAL A 187 -7.96 -16.96 7.66
CA VAL A 187 -6.79 -17.12 6.75
C VAL A 187 -5.49 -16.94 7.51
N ILE A 188 -4.80 -18.04 7.73
CA ILE A 188 -3.55 -18.02 8.39
C ILE A 188 -2.44 -18.01 7.34
N GLY A 189 -1.89 -16.80 7.12
CA GLY A 189 -0.78 -16.62 6.20
C GLY A 189 0.55 -16.80 6.88
N ILE A 190 1.39 -17.66 6.35
CA ILE A 190 2.62 -17.98 7.00
C ILE A 190 3.80 -17.50 6.16
N SER A 191 4.46 -16.45 6.63
CA SER A 191 5.71 -16.03 6.01
C SER A 191 6.75 -15.88 7.12
N VAL A 192 7.73 -16.77 7.11
CA VAL A 192 8.65 -16.82 8.17
C VAL A 192 9.31 -15.48 8.29
N GLY A 193 9.73 -14.93 7.16
CA GLY A 193 10.41 -13.65 7.17
C GLY A 193 9.51 -12.45 7.06
N LEU A 194 8.19 -12.60 7.23
CA LEU A 194 7.23 -11.58 6.93
C LEU A 194 7.65 -10.94 5.61
N SER A 195 7.66 -11.76 4.57
CA SER A 195 8.33 -11.46 3.33
C SER A 195 7.51 -11.75 2.08
N ALA A 196 6.81 -12.87 2.01
CA ALA A 196 6.34 -13.35 0.71
C ALA A 196 5.14 -12.52 0.26
N PRO A 197 5.23 -11.90 -0.93
CA PRO A 197 4.10 -11.16 -1.50
C PRO A 197 2.84 -11.97 -1.66
N PHE A 198 3.00 -13.25 -2.00
CA PHE A 198 1.93 -14.22 -1.96
C PHE A 198 1.08 -14.01 -0.72
N VAL A 199 1.70 -14.03 0.45
CA VAL A 199 0.94 -13.92 1.67
C VAL A 199 0.44 -12.52 1.81
N ALA A 200 1.34 -11.56 1.59
CA ALA A 200 1.02 -10.16 1.73
C ALA A 200 -0.35 -9.89 1.11
N GLY A 201 -0.54 -10.26 -0.14
CA GLY A 201 -1.76 -9.93 -0.84
C GLY A 201 -2.99 -10.42 -0.10
N GLN A 202 -2.94 -11.69 0.31
CA GLN A 202 -4.02 -12.37 0.99
C GLN A 202 -4.42 -11.60 2.25
N MET A 203 -3.41 -11.28 3.07
CA MET A 203 -3.70 -10.62 4.35
C MET A 203 -4.45 -9.31 4.13
N ASP A 204 -4.03 -8.56 3.10
CA ASP A 204 -4.59 -7.27 2.72
C ASP A 204 -6.00 -7.45 2.20
N CYS A 205 -6.19 -8.47 1.38
CA CYS A 205 -7.51 -8.82 0.86
C CYS A 205 -8.47 -9.10 2.01
N CYS A 206 -7.99 -9.88 2.98
CA CYS A 206 -8.75 -10.17 4.20
C CYS A 206 -9.14 -8.89 4.92
N MET A 207 -8.20 -7.98 5.08
CA MET A 207 -8.52 -6.76 5.81
C MET A 207 -9.54 -5.91 5.08
N ASN A 208 -9.69 -6.08 3.78
CA ASN A 208 -10.64 -5.27 3.02
C ASN A 208 -12.08 -5.78 3.11
N ASN A 209 -12.24 -7.04 3.53
CA ASN A 209 -13.56 -7.63 3.76
C ASN A 209 -13.61 -8.37 5.14
N THR A 210 -13.54 -7.56 6.17
CA THR A 210 -13.61 -8.01 7.57
C THR A 210 -14.87 -8.81 7.94
N ALA A 211 -16.00 -8.51 7.30
CA ALA A 211 -17.26 -9.25 7.50
C ALA A 211 -17.08 -10.74 7.28
N VAL A 212 -16.41 -11.10 6.20
CA VAL A 212 -16.16 -12.50 5.91
C VAL A 212 -14.86 -12.99 6.51
N PHE A 213 -13.76 -12.25 6.29
CA PHE A 213 -12.41 -12.79 6.53
C PHE A 213 -11.78 -12.44 7.85
N LEU A 214 -10.92 -13.34 8.31
CA LEU A 214 -10.04 -13.08 9.42
C LEU A 214 -8.56 -13.49 9.11
N PRO A 215 -7.69 -12.48 8.94
CA PRO A 215 -6.27 -12.74 8.72
C PRO A 215 -5.50 -12.94 10.01
N VAL A 216 -4.67 -13.98 10.01
CA VAL A 216 -3.75 -14.20 11.07
C VAL A 216 -2.42 -14.41 10.37
N LEU A 217 -1.41 -13.66 10.83
CA LEU A 217 -0.15 -13.64 10.13
C LEU A 217 0.88 -14.30 10.99
N VAL A 218 1.56 -15.27 10.44
CA VAL A 218 2.53 -16.00 11.20
C VAL A 218 3.90 -15.83 10.60
N GLY A 219 4.86 -15.50 11.45
CA GLY A 219 6.23 -15.31 11.04
C GLY A 219 7.10 -15.15 12.25
N PHE A 220 8.37 -14.80 12.02
CA PHE A 220 9.34 -14.82 13.07
C PHE A 220 10.29 -13.63 13.06
N ASN A 221 9.80 -12.53 12.50
CA ASN A 221 10.44 -11.24 12.71
C ASN A 221 9.45 -10.28 13.42
N PRO A 222 10.01 -9.31 14.16
CA PRO A 222 9.18 -8.17 14.58
C PRO A 222 8.64 -7.42 13.35
N VAL A 223 7.47 -6.81 13.49
CA VAL A 223 6.86 -6.13 12.37
C VAL A 223 7.80 -5.05 11.80
N SER A 224 8.57 -4.39 12.65
CA SER A 224 9.59 -3.48 12.18
C SER A 224 10.72 -4.09 11.35
N MET A 225 10.77 -5.41 11.19
CA MET A 225 11.77 -5.98 10.29
C MET A 225 11.10 -6.68 9.12
N ALA A 226 9.81 -6.38 8.92
CA ALA A 226 9.04 -7.00 7.87
C ALA A 226 9.50 -6.43 6.57
N ARG A 227 9.64 -7.24 5.52
CA ARG A 227 10.03 -6.70 4.18
C ARG A 227 9.31 -5.43 3.90
N ASN A 228 10.08 -4.47 3.40
CA ASN A 228 9.54 -3.18 3.04
C ASN A 228 9.94 -2.70 1.67
N ASP A 229 10.36 -3.60 0.77
CA ASP A 229 10.62 -3.24 -0.63
C ASP A 229 9.35 -3.36 -1.45
N PRO A 230 9.24 -2.56 -2.53
CA PRO A 230 8.04 -2.62 -3.37
C PRO A 230 7.77 -4.01 -3.93
N ILE A 231 6.50 -4.41 -3.90
CA ILE A 231 6.02 -5.63 -4.57
C ILE A 231 5.51 -5.27 -5.98
N GLU A 232 5.97 -6.02 -6.98
CA GLU A 232 5.70 -5.65 -8.36
C GLU A 232 4.27 -5.45 -8.73
N ASP A 233 3.40 -6.39 -8.35
CA ASP A 233 1.95 -6.30 -8.65
C ASP A 233 1.10 -5.81 -7.45
N TRP A 234 1.65 -4.91 -6.64
CA TRP A 234 0.96 -4.53 -5.40
C TRP A 234 1.56 -3.22 -4.86
N SER A 235 0.70 -2.37 -4.29
CA SER A 235 1.06 -1.00 -3.91
C SER A 235 1.63 -0.84 -2.46
N SER A 236 1.25 -1.75 -1.56
CA SER A 236 1.73 -1.75 -0.18
C SER A 236 2.82 -2.76 -0.05
N THR A 237 3.59 -2.64 1.02
CA THR A 237 4.68 -3.58 1.29
C THR A 237 4.24 -4.49 2.42
N PHE A 238 5.00 -5.56 2.69
CA PHE A 238 4.60 -6.49 3.75
C PHE A 238 4.51 -5.75 5.10
N ARG A 239 5.52 -4.92 5.33
CA ARG A 239 5.63 -4.09 6.54
C ARG A 239 4.41 -3.26 6.79
N GLN A 240 3.84 -2.67 5.74
CA GLN A 240 2.64 -1.86 5.88
C GLN A 240 1.43 -2.71 6.16
N VAL A 241 1.31 -3.80 5.41
CA VAL A 241 0.21 -4.74 5.62
C VAL A 241 0.26 -5.22 7.04
N ALA A 242 1.44 -5.64 7.46
CA ALA A 242 1.62 -6.14 8.80
C ALA A 242 1.39 -5.10 9.89
N GLU A 243 1.68 -3.82 9.63
CA GLU A 243 1.55 -2.81 10.68
C GLU A 243 0.06 -2.58 10.92
N ARG A 244 -0.69 -2.70 9.82
CA ARG A 244 -2.09 -2.41 9.82
C ARG A 244 -2.87 -3.56 10.49
N MET A 245 -2.37 -4.79 10.33
CA MET A 245 -2.94 -5.94 10.99
C MET A 245 -2.74 -5.78 12.51
N GLN A 246 -1.54 -5.37 12.89
CA GLN A 246 -1.23 -5.10 14.29
C GLN A 246 -2.20 -4.05 14.88
N LYS A 247 -2.54 -3.01 14.13
CA LYS A 247 -3.55 -2.06 14.61
C LYS A 247 -4.89 -2.76 14.80
N MET A 248 -5.32 -3.62 13.85
CA MET A 248 -6.63 -4.26 13.98
C MET A 248 -6.69 -5.31 15.11
N GLN A 249 -5.54 -5.82 15.57
CA GLN A 249 -5.52 -6.74 16.71
C GLN A 249 -6.21 -6.15 17.96
N GLU A 250 -5.88 -4.92 18.30
CA GLU A 250 -6.60 -4.19 19.35
C GLU A 250 -8.13 -4.36 19.36
N LYS A 251 -8.74 -4.60 18.21
CA LYS A 251 -10.19 -4.90 18.11
C LYS A 251 -10.44 -6.37 17.67
N GLN A 252 -9.45 -7.25 17.76
CA GLN A 252 -9.68 -8.69 17.47
C GLN A 252 -10.12 -9.01 16.03
N LYS A 253 -9.88 -8.11 15.08
CA LYS A 253 -10.24 -8.37 13.68
C LYS A 253 -9.01 -8.78 12.82
N ALA A 254 -7.81 -8.78 13.42
CA ALA A 254 -6.61 -9.32 12.79
C ALA A 254 -5.62 -9.68 13.85
N PHE A 255 -4.78 -10.66 13.56
CA PHE A 255 -3.80 -11.08 14.53
C PHE A 255 -2.42 -11.21 13.91
N VAL A 256 -1.38 -10.89 14.68
CA VAL A 256 -0.02 -11.09 14.25
C VAL A 256 0.62 -11.91 15.33
N LEU A 257 1.12 -13.06 14.93
CA LEU A 257 1.75 -14.04 15.73
C LEU A 257 3.18 -14.12 15.29
N ASN A 258 4.05 -13.36 15.95
CA ASN A 258 5.41 -13.19 15.43
C ASN A 258 6.52 -13.28 16.48
N PRO A 259 6.72 -14.47 17.08
CA PRO A 259 7.79 -14.69 18.09
C PRO A 259 9.11 -14.75 17.44
N ALA A 260 10.18 -14.39 18.15
CA ALA A 260 11.52 -14.46 17.60
C ALA A 260 12.12 -15.74 18.07
N ILE A 261 12.60 -16.55 17.14
CA ILE A 261 13.19 -17.83 17.46
C ILE A 261 14.66 -17.88 17.25
N GLY A 262 15.27 -16.74 16.93
CA GLY A 262 16.72 -16.61 16.67
C GLY A 262 17.05 -16.96 15.22
N PRO A 263 18.25 -16.57 14.72
CA PRO A 263 18.62 -16.79 13.34
C PRO A 263 18.88 -18.24 13.05
N GLU A 264 18.83 -18.60 11.76
CA GLU A 264 18.94 -19.99 11.30
C GLU A 264 20.42 -20.39 11.28
N GLY A 265 20.71 -21.66 11.58
CA GLY A 265 22.10 -22.10 11.66
C GLY A 265 22.86 -21.94 10.35
N LEU A 266 22.12 -22.08 9.25
CA LEU A 266 22.51 -21.68 7.92
C LEU A 266 21.62 -20.49 7.58
N SER A 267 22.24 -19.34 7.35
CA SER A 267 21.58 -18.06 7.28
C SER A 267 20.49 -18.07 6.23
N GLY A 268 19.32 -17.57 6.60
CA GLY A 268 18.25 -17.42 5.64
C GLY A 268 17.61 -18.70 5.17
N SER A 269 17.93 -19.81 5.82
CA SER A 269 17.39 -21.08 5.41
C SER A 269 16.20 -21.36 6.33
N SER A 270 15.07 -20.74 6.00
CA SER A 270 13.94 -20.72 6.88
C SER A 270 13.15 -22.05 6.82
N ARG A 271 13.51 -22.93 5.90
CA ARG A 271 12.92 -24.27 5.91
C ARG A 271 13.21 -24.94 7.29
N MET A 272 14.35 -24.64 7.92
CA MET A 272 14.76 -25.26 9.19
C MET A 272 13.99 -24.74 10.40
N LYS A 273 14.63 -23.93 11.26
CA LYS A 273 13.93 -23.40 12.44
C LYS A 273 12.56 -22.78 12.10
N GLY A 274 12.47 -22.02 11.01
CA GLY A 274 11.22 -21.38 10.57
C GLY A 274 10.02 -22.31 10.46
N GLY A 275 10.24 -23.46 9.80
CA GLY A 275 9.15 -24.42 9.54
C GLY A 275 8.85 -25.29 10.75
N SER A 276 9.90 -25.75 11.41
CA SER A 276 9.75 -26.31 12.71
C SER A 276 8.90 -25.42 13.60
N ALA A 277 9.29 -24.17 13.77
CA ALA A 277 8.50 -23.26 14.62
C ALA A 277 7.05 -23.00 14.07
N THR A 278 6.92 -22.98 12.74
CA THR A 278 5.61 -22.83 12.13
C THR A 278 4.70 -23.95 12.66
N LYS A 279 5.19 -25.19 12.69
CA LYS A 279 4.41 -26.36 13.16
C LYS A 279 4.17 -26.27 14.67
N ILE A 280 5.27 -26.11 15.41
CA ILE A 280 5.19 -26.03 16.87
C ILE A 280 4.11 -25.01 17.22
N LEU A 281 4.19 -23.87 16.59
CA LEU A 281 3.34 -22.80 16.98
C LEU A 281 1.88 -23.08 16.61
N LEU A 282 1.67 -23.65 15.44
CA LEU A 282 0.29 -23.77 14.95
C LEU A 282 -0.40 -25.09 15.36
N GLU A 283 0.35 -26.18 15.42
CA GLU A 283 -0.27 -27.41 15.84
C GLU A 283 -0.79 -27.16 17.28
N THR A 284 0.15 -26.77 18.16
CA THR A 284 -0.19 -26.32 19.51
C THR A 284 -1.55 -25.61 19.62
N LEU A 285 -1.65 -24.51 18.88
CA LEU A 285 -2.76 -23.58 18.95
C LEU A 285 -4.07 -24.21 18.50
N LEU A 286 -4.01 -24.88 17.37
CA LEU A 286 -5.16 -25.51 16.79
C LEU A 286 -5.54 -26.75 17.63
N LEU A 287 -4.55 -27.59 18.00
CA LEU A 287 -4.87 -28.74 18.84
C LEU A 287 -5.57 -28.28 20.11
N ALA A 288 -5.04 -27.23 20.74
CA ALA A 288 -5.68 -26.70 21.92
C ALA A 288 -7.12 -26.33 21.63
N ALA A 289 -7.37 -25.77 20.45
CA ALA A 289 -8.67 -25.18 20.16
C ALA A 289 -9.71 -26.26 20.00
N HIS A 290 -9.35 -27.30 19.26
CA HIS A 290 -10.23 -28.43 19.10
C HIS A 290 -10.49 -29.09 20.44
N LYS A 291 -9.41 -29.51 21.12
CA LYS A 291 -9.59 -30.33 22.30
C LYS A 291 -10.42 -29.57 23.37
N THR A 292 -10.30 -28.26 23.43
CA THR A 292 -11.07 -27.45 24.36
C THR A 292 -12.52 -27.13 23.94
N VAL A 293 -12.90 -27.25 22.66
CA VAL A 293 -14.33 -26.97 22.32
C VAL A 293 -15.29 -28.05 22.80
N ASP A 294 -14.90 -29.31 22.58
CA ASP A 294 -15.79 -30.39 22.97
C ASP A 294 -15.63 -30.71 24.46
N GLN A 295 -14.69 -30.06 25.15
CA GLN A 295 -14.65 -30.05 26.63
C GLN A 295 -15.52 -28.95 27.26
N GLY A 296 -16.07 -28.04 26.44
CA GLY A 296 -16.94 -26.95 26.92
C GLY A 296 -16.20 -25.84 27.66
N ILE A 297 -14.87 -25.86 27.50
CA ILE A 297 -13.92 -24.98 28.21
C ILE A 297 -13.29 -24.04 27.18
N ALA A 298 -12.94 -22.82 27.58
CA ALA A 298 -12.17 -21.96 26.70
C ALA A 298 -10.70 -22.37 26.75
N ALA A 299 -9.97 -22.19 25.65
CA ALA A 299 -8.53 -22.41 25.63
C ALA A 299 -7.81 -21.43 26.54
N SER A 300 -6.90 -21.95 27.36
CA SER A 300 -6.13 -21.17 28.32
C SER A 300 -4.64 -21.30 27.98
N GLN A 301 -3.81 -20.48 28.60
CA GLN A 301 -2.37 -20.58 28.37
C GLN A 301 -1.88 -21.94 28.86
N ARG A 302 -2.58 -22.47 29.87
CA ARG A 302 -2.22 -23.74 30.45
C ARG A 302 -2.42 -24.85 29.44
N CYS A 303 -3.53 -24.84 28.71
CA CYS A 303 -3.66 -25.89 27.70
C CYS A 303 -2.51 -25.83 26.68
N LEU A 304 -2.12 -24.62 26.27
CA LEU A 304 -1.06 -24.39 25.28
C LEU A 304 0.31 -24.80 25.79
N LEU A 305 0.61 -24.42 27.02
CA LEU A 305 1.90 -24.75 27.58
C LEU A 305 2.14 -26.26 27.71
N GLU A 306 1.07 -27.03 27.99
CA GLU A 306 1.19 -28.49 28.06
C GLU A 306 1.80 -28.94 26.74
N ILE A 307 1.17 -28.52 25.65
CA ILE A 307 1.62 -28.83 24.28
C ILE A 307 3.03 -28.27 23.90
N LEU A 308 3.27 -27.01 24.26
CA LEU A 308 4.57 -26.42 24.03
C LEU A 308 5.66 -27.24 24.71
N ARG A 309 5.42 -27.63 25.96
CA ARG A 309 6.48 -28.34 26.70
C ARG A 309 6.66 -29.77 26.18
N THR A 310 5.58 -30.37 25.67
CA THR A 310 5.69 -31.67 25.02
C THR A 310 6.61 -31.51 23.79
N PHE A 311 6.37 -30.46 23.01
CA PHE A 311 7.22 -30.18 21.86
C PHE A 311 8.63 -29.91 22.37
N GLU A 312 8.79 -29.18 23.46
CA GLU A 312 10.16 -28.84 23.92
C GLU A 312 10.92 -30.13 24.34
N ARG A 313 10.15 -31.08 24.91
CA ARG A 313 10.70 -32.40 25.27
C ARG A 313 11.18 -33.12 24.05
N ALA A 314 10.32 -33.16 23.02
CA ALA A 314 10.66 -33.70 21.69
C ALA A 314 12.04 -33.24 21.15
N HIS A 315 12.38 -31.98 21.34
CA HIS A 315 13.74 -31.57 20.95
C HIS A 315 14.80 -32.30 21.72
N GLN A 316 14.55 -32.52 23.01
CA GLN A 316 15.53 -33.18 23.88
C GLN A 316 15.60 -34.68 23.53
N VAL A 317 14.43 -35.30 23.48
CA VAL A 317 14.29 -36.67 22.99
C VAL A 317 15.01 -36.89 21.64
N THR A 318 14.85 -35.92 20.73
CA THR A 318 15.38 -36.07 19.38
C THR A 318 16.90 -35.95 19.38
N TYR A 319 17.43 -34.89 19.97
CA TYR A 319 18.85 -34.60 19.82
C TYR A 319 19.72 -35.46 20.71
N SER A 320 19.10 -36.17 21.67
CA SER A 320 19.79 -37.17 22.50
C SER A 320 20.34 -38.33 21.70
N GLN A 321 19.77 -38.58 20.52
CA GLN A 321 20.40 -39.44 19.51
C GLN A 321 21.49 -38.71 18.69
N SER A 322 22.07 -37.63 19.20
CA SER A 322 23.03 -36.84 18.42
C SER A 322 24.12 -37.68 17.69
N PRO A 323 24.91 -38.47 18.44
CA PRO A 323 26.00 -39.28 17.87
C PRO A 323 25.63 -40.15 16.66
N LYS A 324 24.43 -40.72 16.67
CA LYS A 324 23.94 -41.57 15.55
C LYS A 324 23.47 -40.71 14.36
N ILE A 325 22.83 -39.58 14.65
CA ILE A 325 22.54 -38.55 13.65
C ILE A 325 23.84 -38.10 12.98
N ALA A 326 24.87 -37.82 13.78
CA ALA A 326 26.16 -37.47 13.20
C ALA A 326 26.69 -38.53 12.21
N THR A 327 26.42 -39.82 12.48
CA THR A 327 26.89 -40.94 11.59
C THR A 327 26.13 -40.96 10.26
N LEU A 328 24.79 -40.95 10.32
CA LEU A 328 23.96 -40.86 9.09
C LEU A 328 24.39 -39.72 8.20
N MET A 329 24.71 -38.59 8.82
CA MET A 329 25.26 -37.47 8.10
C MET A 329 26.53 -37.93 7.36
N LYS A 330 27.54 -38.40 8.10
CA LYS A 330 28.79 -38.87 7.50
C LYS A 330 28.59 -39.80 6.28
N SER A 331 27.56 -40.64 6.32
CA SER A 331 27.28 -41.55 5.20
C SER A 331 26.47 -40.93 4.04
N VAL A 332 25.74 -39.84 4.31
CA VAL A 332 25.06 -39.06 3.26
C VAL A 332 26.09 -38.13 2.61
N SER A 333 26.93 -37.52 3.44
CA SER A 333 28.03 -36.72 2.96
C SER A 333 28.83 -37.53 1.95
N THR A 334 29.26 -38.73 2.38
CA THR A 334 30.21 -39.59 1.63
C THR A 334 29.64 -40.00 0.28
N SER A 335 28.46 -40.64 0.30
CA SER A 335 27.75 -41.07 -0.90
C SER A 335 27.52 -39.95 -1.96
N LEU A 336 27.39 -38.71 -1.52
CA LEU A 336 27.40 -37.54 -2.40
C LEU A 336 28.82 -37.14 -2.76
N GLU A 337 29.72 -37.21 -1.79
CA GLU A 337 31.14 -36.91 -2.03
C GLU A 337 31.72 -37.71 -3.18
N LYS A 338 31.19 -38.92 -3.41
CA LYS A 338 31.56 -39.68 -4.61
C LYS A 338 30.68 -39.15 -5.75
N LYS A 339 29.71 -39.90 -6.25
CA LYS A 339 28.65 -39.25 -7.03
C LYS A 339 27.40 -40.08 -6.92
N GLY A 340 27.17 -40.59 -5.72
CA GLY A 340 26.08 -41.52 -5.48
C GLY A 340 24.85 -40.84 -4.96
N HIS A 341 23.76 -41.57 -4.90
CA HIS A 341 22.47 -41.01 -4.51
C HIS A 341 22.00 -41.49 -3.11
N VAL A 342 21.03 -40.76 -2.57
CA VAL A 342 20.59 -40.95 -1.21
C VAL A 342 19.08 -40.99 -1.19
N TYR A 343 18.53 -41.99 -0.54
CA TYR A 343 17.12 -42.23 -0.63
C TYR A 343 16.52 -42.18 0.78
N LEU A 344 15.33 -41.62 0.88
CA LEU A 344 14.69 -41.42 2.15
C LEU A 344 13.36 -42.10 1.96
N VAL A 345 13.15 -43.19 2.68
CA VAL A 345 12.03 -44.07 2.39
C VAL A 345 11.10 -44.11 3.58
N GLY A 346 9.96 -43.47 3.45
CA GLY A 346 9.17 -43.21 4.62
C GLY A 346 7.75 -43.67 4.42
N TRP A 347 7.13 -44.08 5.52
CA TRP A 347 5.76 -44.53 5.49
C TRP A 347 4.89 -43.39 6.00
N GLN A 348 3.72 -43.24 5.39
CA GLN A 348 2.79 -42.15 5.66
C GLN A 348 3.51 -40.80 5.82
N THR A 349 3.05 -39.97 6.75
CA THR A 349 3.51 -38.60 6.84
C THR A 349 5.03 -38.44 6.89
N LEU A 350 5.74 -39.38 7.47
CA LEU A 350 7.20 -39.28 7.47
C LEU A 350 7.85 -39.52 6.11
N GLY A 351 7.11 -40.03 5.14
CA GLY A 351 7.61 -40.15 3.77
C GLY A 351 7.42 -38.87 2.96
N ILE A 352 6.29 -38.19 3.22
CA ILE A 352 6.11 -36.83 2.72
C ILE A 352 7.27 -35.98 3.20
N ILE A 353 7.41 -35.84 4.51
CA ILE A 353 8.48 -35.04 5.13
C ILE A 353 9.84 -35.41 4.52
N ALA A 354 10.01 -36.68 4.17
CA ALA A 354 11.21 -37.13 3.46
C ALA A 354 11.32 -36.45 2.09
N ILE A 355 10.23 -36.50 1.35
CA ILE A 355 10.17 -35.87 0.05
C ILE A 355 10.46 -34.40 0.18
N MET A 356 9.85 -33.76 1.17
CA MET A 356 9.95 -32.32 1.27
C MET A 356 11.35 -31.96 1.64
N ASP A 357 12.06 -32.79 2.39
CA ASP A 357 13.44 -32.47 2.69
C ASP A 357 14.31 -32.54 1.45
N GLY A 358 14.04 -33.55 0.62
CA GLY A 358 14.91 -33.86 -0.52
C GLY A 358 14.81 -32.87 -1.67
N VAL A 359 13.57 -32.58 -2.05
CA VAL A 359 13.25 -31.50 -2.96
C VAL A 359 13.87 -30.16 -2.51
N GLU A 360 13.86 -29.87 -1.21
CA GLU A 360 14.39 -28.59 -0.72
C GLU A 360 15.87 -28.49 -0.90
N CYS A 361 16.52 -29.65 -1.03
CA CYS A 361 17.95 -29.69 -1.25
C CYS A 361 18.38 -29.13 -2.59
N ILE A 362 17.42 -29.06 -3.54
CA ILE A 362 17.71 -28.59 -4.89
C ILE A 362 18.00 -27.08 -4.84
N HIS A 363 17.00 -26.30 -4.44
CA HIS A 363 17.19 -24.88 -4.39
C HIS A 363 18.17 -24.52 -3.31
N THR A 364 18.10 -25.20 -2.16
CA THR A 364 18.98 -24.81 -1.05
C THR A 364 20.45 -25.09 -1.34
N PHE A 365 20.79 -26.17 -2.04
CA PHE A 365 22.22 -26.48 -2.27
C PHE A 365 22.71 -26.55 -3.75
N GLY A 366 21.80 -26.31 -4.70
CA GLY A 366 22.11 -26.46 -6.11
C GLY A 366 22.29 -27.92 -6.43
N ALA A 367 21.48 -28.74 -5.79
CA ALA A 367 21.67 -30.17 -5.78
C ALA A 367 20.65 -30.79 -6.70
N ASP A 368 21.07 -31.77 -7.49
CA ASP A 368 20.21 -32.46 -8.44
C ASP A 368 19.09 -33.24 -7.73
N PHE A 369 17.90 -33.34 -8.32
CA PHE A 369 16.73 -34.00 -7.67
C PHE A 369 16.95 -35.46 -7.27
N ARG A 370 17.96 -36.09 -7.83
CA ARG A 370 18.39 -37.43 -7.43
C ARG A 370 19.32 -37.38 -6.21
N ASP A 371 19.94 -36.24 -5.93
CA ASP A 371 20.99 -36.17 -4.91
C ASP A 371 20.54 -36.70 -3.55
N VAL A 372 19.34 -36.28 -3.15
CA VAL A 372 18.70 -36.66 -1.89
C VAL A 372 17.21 -36.67 -2.22
N ARG A 373 16.69 -37.86 -2.50
CA ARG A 373 15.33 -38.05 -3.03
C ARG A 373 14.50 -38.65 -1.89
N GLY A 374 13.20 -38.35 -1.88
CA GLY A 374 12.33 -38.83 -0.84
C GLY A 374 11.24 -39.66 -1.46
N PHE A 375 10.75 -40.62 -0.68
CA PHE A 375 9.91 -41.71 -1.18
C PHE A 375 8.88 -42.08 -0.12
N LEU A 376 7.61 -42.22 -0.55
CA LEU A 376 6.48 -42.61 0.33
C LEU A 376 5.77 -43.91 -0.11
N ILE A 377 5.51 -44.79 0.85
CA ILE A 377 4.75 -46.02 0.61
C ILE A 377 3.39 -45.98 1.31
N PHE A 397 7.49 -39.83 -6.57
CA PHE A 397 7.59 -39.60 -5.11
C PHE A 397 6.76 -40.61 -4.26
N THR A 398 5.61 -41.03 -4.80
CA THR A 398 4.68 -41.88 -4.06
C THR A 398 4.60 -43.34 -4.64
N PHE A 399 5.72 -44.05 -4.65
CA PHE A 399 5.77 -45.36 -5.29
C PHE A 399 5.68 -46.54 -4.30
N SER A 400 4.46 -47.08 -4.16
CA SER A 400 4.12 -48.29 -3.34
C SER A 400 5.07 -49.52 -3.46
N GLN A 401 4.83 -50.56 -2.63
CA GLN A 401 5.83 -51.63 -2.35
C GLN A 401 6.51 -52.28 -3.56
N GLU A 402 5.74 -53.08 -4.31
CA GLU A 402 6.30 -53.79 -5.47
C GLU A 402 6.71 -52.78 -6.54
N ASP A 403 5.99 -51.67 -6.67
CA ASP A 403 6.36 -50.60 -7.61
C ASP A 403 7.77 -50.07 -7.33
N PHE A 404 8.08 -49.81 -6.05
CA PHE A 404 9.43 -49.37 -5.68
C PHE A 404 10.45 -50.46 -5.97
N LEU A 405 10.07 -51.70 -5.66
CA LEU A 405 10.97 -52.85 -5.86
C LEU A 405 11.43 -53.01 -7.32
N THR A 406 10.50 -52.97 -8.28
CA THR A 406 10.85 -53.14 -9.70
C THR A 406 11.52 -51.88 -10.29
N SER A 407 10.93 -50.71 -10.05
CA SER A 407 11.34 -49.43 -10.66
C SER A 407 12.73 -48.92 -10.25
N ILE A 408 12.92 -48.72 -8.95
CA ILE A 408 14.09 -48.00 -8.41
C ILE A 408 15.24 -48.92 -7.98
N LEU A 409 14.87 -50.03 -7.33
CA LEU A 409 15.84 -50.98 -6.76
C LEU A 409 17.03 -51.33 -7.71
N PRO A 410 16.76 -51.56 -9.02
CA PRO A 410 17.80 -51.66 -10.05
C PRO A 410 18.95 -50.64 -10.01
N SER A 411 18.68 -49.37 -9.72
CA SER A 411 19.67 -48.28 -9.92
C SER A 411 20.67 -48.02 -8.75
N LEU A 412 20.64 -48.91 -7.73
CA LEU A 412 21.42 -48.72 -6.51
C LEU A 412 22.84 -49.26 -6.67
N THR A 413 23.71 -49.04 -5.69
CA THR A 413 25.14 -49.15 -5.91
C THR A 413 25.91 -49.17 -4.58
N GLU A 414 27.08 -49.81 -4.58
CA GLU A 414 28.03 -49.87 -3.42
C GLU A 414 28.11 -48.60 -2.56
N ILE A 415 27.92 -47.43 -3.19
CA ILE A 415 28.19 -46.11 -2.58
C ILE A 415 26.96 -45.34 -2.10
N ASP A 416 25.77 -45.69 -2.59
CA ASP A 416 24.53 -45.01 -2.22
C ASP A 416 24.20 -45.14 -0.71
N THR A 417 23.18 -44.42 -0.24
CA THR A 417 22.67 -44.56 1.13
C THR A 417 21.16 -44.57 1.12
N VAL A 418 20.55 -45.58 1.73
CA VAL A 418 19.07 -45.65 1.80
C VAL A 418 18.68 -45.53 3.27
N VAL A 419 17.57 -44.85 3.52
CA VAL A 419 17.20 -44.46 4.87
C VAL A 419 15.72 -44.75 5.08
N PHE A 420 15.47 -45.59 6.08
CA PHE A 420 14.12 -46.06 6.33
C PHE A 420 13.56 -45.34 7.55
N ILE A 421 12.36 -44.81 7.38
CA ILE A 421 11.76 -43.87 8.30
C ILE A 421 10.30 -44.28 8.55
N PHE A 422 10.04 -44.74 9.78
CA PHE A 422 8.76 -45.38 10.09
C PHE A 422 8.52 -45.44 11.61
N THR A 423 7.33 -45.90 11.95
CA THR A 423 7.00 -46.19 13.34
C THR A 423 6.79 -47.69 13.41
N LEU A 424 6.64 -48.20 14.61
CA LEU A 424 6.32 -49.59 14.81
C LEU A 424 4.85 -49.85 14.65
N ASP A 425 4.03 -48.82 14.48
CA ASP A 425 2.62 -49.05 14.22
C ASP A 425 2.34 -49.11 12.70
N ASP A 426 3.39 -49.27 11.89
CA ASP A 426 3.25 -49.00 10.45
C ASP A 426 2.80 -50.17 9.55
N ASN A 427 3.24 -51.39 9.84
CA ASN A 427 3.21 -52.50 8.88
C ASN A 427 4.67 -52.75 8.49
N LEU A 428 5.36 -53.44 9.39
CA LEU A 428 6.79 -53.73 9.24
C LEU A 428 7.07 -54.99 8.42
N THR A 429 6.01 -55.67 7.97
CA THR A 429 6.14 -56.76 6.97
C THR A 429 6.47 -56.13 5.62
N GLU A 430 5.82 -55.01 5.32
CA GLU A 430 6.16 -54.19 4.14
C GLU A 430 7.56 -53.57 4.25
N VAL A 431 7.94 -53.16 5.47
CA VAL A 431 9.26 -52.57 5.74
C VAL A 431 10.41 -53.57 5.60
N GLN A 432 10.32 -54.68 6.35
CA GLN A 432 11.38 -55.70 6.36
C GLN A 432 11.75 -56.16 4.95
N THR A 433 10.73 -56.32 4.11
CA THR A 433 10.90 -56.76 2.72
C THR A 433 11.91 -55.87 1.99
N ILE A 434 11.60 -54.58 1.91
CA ILE A 434 12.33 -53.63 1.07
C ILE A 434 13.76 -53.46 1.55
N VAL A 435 13.96 -53.60 2.85
CA VAL A 435 15.30 -53.52 3.40
C VAL A 435 16.08 -54.73 2.94
N GLU A 436 15.51 -55.91 3.14
CA GLU A 436 16.11 -57.19 2.73
C GLU A 436 16.67 -57.10 1.31
N GLN A 437 15.85 -56.54 0.42
CA GLN A 437 16.23 -56.32 -0.98
C GLN A 437 17.39 -55.29 -1.16
N VAL A 438 17.20 -54.06 -0.66
CA VAL A 438 18.21 -52.99 -0.74
C VAL A 438 19.56 -53.41 -0.16
N LYS A 439 19.51 -54.17 0.94
CA LYS A 439 20.70 -54.73 1.59
C LYS A 439 21.65 -55.38 0.59
N GLU A 440 21.06 -56.17 -0.30
CA GLU A 440 21.80 -56.84 -1.38
C GLU A 440 22.71 -55.85 -2.08
N LYS A 441 22.09 -54.82 -2.66
CA LYS A 441 22.77 -53.88 -3.56
C LYS A 441 23.43 -52.69 -2.87
N THR A 442 23.04 -52.32 -1.64
CA THR A 442 23.58 -51.07 -1.05
C THR A 442 24.50 -51.24 0.15
N ASN A 443 24.00 -51.87 1.21
CA ASN A 443 24.72 -52.08 2.49
C ASN A 443 24.91 -50.81 3.40
N HIS A 444 24.97 -49.62 2.83
CA HIS A 444 24.87 -48.37 3.61
C HIS A 444 23.41 -48.03 3.90
N ILE A 445 22.81 -48.75 4.84
CA ILE A 445 21.45 -48.42 5.29
C ILE A 445 21.45 -48.16 6.80
N GLN A 446 20.75 -47.10 7.22
CA GLN A 446 20.59 -46.80 8.65
C GLN A 446 19.07 -46.57 8.74
N ALA A 447 18.52 -46.31 9.91
CA ALA A 447 17.07 -46.10 9.96
C ALA A 447 16.64 -45.10 11.02
N LEU A 448 15.37 -44.70 10.93
CA LEU A 448 14.77 -43.72 11.82
C LEU A 448 13.41 -44.23 12.26
N ALA A 449 13.36 -44.68 13.51
CA ALA A 449 12.27 -45.51 13.99
C ALA A 449 11.65 -44.97 15.27
N HIS A 450 10.40 -44.57 15.13
CA HIS A 450 9.65 -44.02 16.23
C HIS A 450 8.83 -45.11 16.88
N SER A 451 8.83 -45.11 18.21
CA SER A 451 8.18 -46.14 19.01
C SER A 451 7.70 -45.53 20.31
N THR A 452 6.60 -46.07 20.87
CA THR A 452 6.28 -45.91 22.31
C THR A 452 7.25 -46.81 23.12
N VAL A 453 7.41 -46.57 24.42
CA VAL A 453 8.16 -47.53 25.30
C VAL A 453 7.50 -48.90 25.40
N GLY A 454 8.30 -49.96 25.30
CA GLY A 454 7.80 -51.31 25.41
C GLY A 454 7.33 -51.94 24.11
N GLN A 455 7.26 -51.17 23.03
CA GLN A 455 7.19 -51.75 21.68
C GLN A 455 8.61 -52.26 21.40
N THR A 456 8.71 -53.41 20.73
CA THR A 456 10.02 -54.01 20.40
C THR A 456 10.11 -54.25 18.91
N LEU A 457 11.32 -54.09 18.40
CA LEU A 457 11.56 -54.21 16.98
C LEU A 457 11.58 -55.68 16.55
N PRO A 458 10.53 -56.13 15.80
CA PRO A 458 10.46 -57.50 15.30
C PRO A 458 11.80 -57.97 14.74
N ILE A 459 11.97 -59.29 14.62
CA ILE A 459 13.23 -59.90 14.18
C ILE A 459 14.36 -59.48 15.14
N PRO A 460 14.62 -60.26 16.23
CA PRO A 460 15.83 -60.02 17.06
C PRO A 460 17.11 -59.82 16.22
N LEU A 461 17.15 -60.51 15.08
CA LEU A 461 18.12 -60.23 14.00
C LEU A 461 17.68 -59.10 13.06
N LYS A 462 17.05 -58.05 13.60
CA LYS A 462 16.96 -56.80 12.85
C LYS A 462 18.35 -56.18 12.97
N LYS A 463 19.35 -56.93 12.49
CA LYS A 463 20.74 -56.49 12.40
C LYS A 463 21.04 -56.10 10.96
N LEU A 464 20.00 -56.21 10.11
CA LEU A 464 19.92 -55.40 8.88
C LEU A 464 20.24 -53.95 9.29
N PHE A 465 19.70 -53.54 10.43
CA PHE A 465 20.12 -52.31 11.11
C PHE A 465 20.84 -52.65 12.41
N PRO A 466 22.19 -52.64 12.39
CA PRO A 466 22.89 -52.80 13.67
C PRO A 466 22.52 -51.65 14.63
N SER A 467 23.00 -50.43 14.33
CA SER A 467 22.93 -49.29 15.27
C SER A 467 21.85 -48.24 14.91
N ILE A 468 20.61 -48.72 14.77
CA ILE A 468 19.41 -47.87 14.62
C ILE A 468 19.40 -46.55 15.42
N ILE A 469 18.50 -45.68 14.95
CA ILE A 469 18.10 -44.48 15.63
C ILE A 469 16.67 -44.77 16.09
N SER A 470 16.56 -45.55 17.17
CA SER A 470 15.26 -45.79 17.80
C SER A 470 15.04 -44.49 18.57
N ILE A 471 13.86 -43.91 18.35
CA ILE A 471 13.45 -42.73 19.08
C ILE A 471 12.17 -43.12 19.77
N THR A 472 12.29 -43.28 21.09
CA THR A 472 11.24 -43.88 21.85
C THR A 472 10.54 -42.83 22.74
N TRP A 473 9.22 -42.77 22.59
CA TRP A 473 8.36 -41.73 23.14
C TRP A 473 7.59 -42.20 24.36
N PRO A 474 7.79 -41.56 25.53
CA PRO A 474 6.96 -41.86 26.70
C PRO A 474 5.49 -42.17 26.39
N LEU A 475 4.73 -42.59 27.39
CA LEU A 475 3.29 -42.67 27.24
C LEU A 475 2.69 -41.28 27.55
N LEU A 476 1.83 -40.77 26.69
CA LEU A 476 1.21 -39.46 26.87
C LEU A 476 -0.31 -39.60 26.90
N PHE A 477 -0.96 -38.66 27.56
CA PHE A 477 -2.39 -38.75 27.82
C PHE A 477 -3.19 -38.09 26.68
N PHE A 478 -3.13 -38.71 25.51
CA PHE A 478 -3.98 -38.31 24.38
C PHE A 478 -5.43 -38.64 24.71
N GLU A 479 -6.36 -37.85 24.17
CA GLU A 479 -7.77 -38.26 24.18
C GLU A 479 -8.30 -38.54 22.78
N TYR A 480 -7.98 -37.69 21.79
CA TYR A 480 -8.41 -37.96 20.42
C TYR A 480 -7.85 -39.26 19.84
N GLU A 481 -8.63 -39.80 18.91
CA GLU A 481 -8.57 -41.21 18.48
C GLU A 481 -7.33 -41.52 17.63
N GLY A 482 -6.98 -40.60 16.71
CA GLY A 482 -5.76 -40.73 15.90
C GLY A 482 -4.45 -40.42 16.64
N ASN A 483 -4.57 -40.04 17.92
CA ASN A 483 -3.45 -39.67 18.79
C ASN A 483 -2.55 -38.65 18.08
N PHE A 484 -3.10 -37.47 17.87
CA PHE A 484 -2.47 -36.45 17.03
C PHE A 484 -1.24 -35.81 17.68
N ILE A 485 -1.20 -35.71 19.00
CA ILE A 485 0.00 -35.23 19.68
C ILE A 485 1.16 -36.14 19.31
N GLN A 486 0.93 -37.45 19.23
CA GLN A 486 2.01 -38.39 18.91
C GLN A 486 2.46 -38.14 17.48
N LYS A 487 1.50 -37.86 16.59
CA LYS A 487 1.80 -37.56 15.20
C LYS A 487 2.76 -36.37 15.11
N PHE A 488 2.40 -35.27 15.77
CA PHE A 488 3.09 -34.01 15.61
C PHE A 488 4.48 -34.05 16.17
N GLN A 489 4.64 -34.77 17.27
CA GLN A 489 5.95 -35.01 17.88
C GLN A 489 6.85 -35.71 16.91
N ARG A 490 6.25 -36.70 16.26
CA ARG A 490 6.97 -37.63 15.41
C ARG A 490 7.47 -36.97 14.11
N GLU A 491 6.58 -36.23 13.45
CA GLU A 491 6.98 -35.42 12.30
C GLU A 491 8.15 -34.49 12.61
N LEU A 492 7.96 -33.65 13.64
CA LEU A 492 8.95 -32.66 13.98
C LEU A 492 10.28 -33.31 14.27
N SER A 493 10.25 -34.46 14.94
CA SER A 493 11.48 -35.10 15.36
C SER A 493 12.24 -35.50 14.09
N THR A 494 11.47 -36.06 13.15
CA THR A 494 11.95 -36.50 11.84
C THR A 494 12.44 -35.33 11.00
N LYS A 495 11.66 -34.25 10.99
CA LYS A 495 12.08 -33.03 10.30
C LYS A 495 13.43 -32.55 10.83
N TRP A 496 13.59 -32.47 12.16
CA TRP A 496 14.89 -32.07 12.71
C TRP A 496 16.02 -32.97 12.24
N VAL A 497 15.72 -34.25 12.07
CA VAL A 497 16.76 -35.21 11.76
C VAL A 497 17.10 -35.05 10.29
N LEU A 498 16.09 -35.20 9.45
CA LEU A 498 16.32 -35.08 8.01
C LEU A 498 17.02 -33.75 7.66
N ASN A 499 16.44 -32.61 8.10
CA ASN A 499 17.02 -31.25 8.03
C ASN A 499 18.50 -31.17 8.44
N THR A 500 18.82 -31.62 9.64
CA THR A 500 20.19 -31.56 10.13
C THR A 500 21.10 -32.41 9.26
N VAL A 501 20.60 -33.58 8.85
CA VAL A 501 21.39 -34.54 8.08
C VAL A 501 21.64 -33.99 6.68
N SER A 502 20.55 -33.70 5.97
CA SER A 502 20.68 -33.15 4.60
C SER A 502 21.56 -31.89 4.61
N THR A 503 21.25 -30.95 5.50
CA THR A 503 22.07 -29.73 5.61
C THR A 503 23.53 -30.07 5.88
N GLY A 504 23.77 -30.86 6.92
CA GLY A 504 25.13 -31.17 7.35
C GLY A 504 26.00 -31.79 6.27
N ALA A 505 25.46 -32.80 5.59
CA ALA A 505 26.17 -33.50 4.51
C ALA A 505 26.78 -32.48 3.54
N HIS A 506 25.98 -31.49 3.15
CA HIS A 506 26.42 -30.47 2.21
C HIS A 506 27.45 -29.54 2.81
N VAL A 507 27.32 -29.25 4.09
CA VAL A 507 28.24 -28.35 4.74
C VAL A 507 29.63 -29.01 4.72
N LEU A 508 29.64 -30.26 5.20
CA LEU A 508 30.83 -31.11 5.22
C LEU A 508 31.60 -31.13 3.90
N LEU A 509 30.84 -31.12 2.79
CA LEU A 509 31.39 -31.12 1.43
C LEU A 509 31.93 -29.78 0.99
N GLY A 510 32.20 -28.86 1.92
CA GLY A 510 32.76 -27.54 1.59
C GLY A 510 31.92 -26.52 0.80
N LYS A 511 30.63 -26.81 0.58
CA LYS A 511 29.71 -25.98 -0.24
C LYS A 511 29.09 -24.74 0.45
N ILE A 512 29.19 -24.65 1.79
CA ILE A 512 28.74 -23.48 2.55
C ILE A 512 29.96 -22.63 2.88
N LEU A 513 29.77 -21.30 2.84
CA LEU A 513 30.80 -20.33 3.19
C LEU A 513 30.52 -19.71 4.56
N GLN A 514 31.38 -20.05 5.53
CA GLN A 514 31.16 -19.77 6.96
C GLN A 514 29.80 -20.33 7.39
N ASN A 515 28.76 -19.50 7.41
CA ASN A 515 27.39 -19.98 7.58
C ASN A 515 26.42 -19.36 6.60
N HIS A 516 26.90 -19.20 5.37
CA HIS A 516 26.12 -18.66 4.27
C HIS A 516 26.29 -19.55 3.04
N MET A 517 25.18 -19.78 2.33
CA MET A 517 25.23 -20.29 0.98
C MET A 517 25.47 -19.12 0.01
N LEU A 518 26.70 -18.91 -0.38
CA LEU A 518 27.07 -17.89 -1.34
C LEU A 518 26.48 -18.18 -2.71
N ASP A 519 26.66 -19.42 -3.17
CA ASP A 519 26.45 -19.79 -4.57
C ASP A 519 25.06 -20.30 -4.84
N LEU A 520 24.07 -19.55 -4.40
CA LEU A 520 22.68 -19.97 -4.55
C LEU A 520 22.17 -19.51 -5.91
N ARG A 521 20.97 -19.91 -6.26
CA ARG A 521 20.41 -19.55 -7.56
C ARG A 521 19.35 -18.51 -7.32
N ILE A 522 19.52 -17.37 -7.98
CA ILE A 522 18.66 -16.25 -7.71
C ILE A 522 17.31 -16.50 -8.37
N SER A 523 16.38 -17.10 -7.65
CA SER A 523 15.11 -17.50 -8.25
C SER A 523 13.84 -16.76 -7.79
N ASN A 524 13.99 -15.82 -6.85
CA ASN A 524 12.91 -14.88 -6.50
C ASN A 524 13.52 -13.61 -5.94
N SER A 525 12.69 -12.63 -5.64
CA SER A 525 13.19 -11.33 -5.21
C SER A 525 13.94 -11.39 -3.90
N LYS A 526 13.42 -12.14 -2.93
CA LYS A 526 14.12 -12.31 -1.65
C LYS A 526 15.55 -12.81 -1.78
N LEU A 527 15.78 -13.71 -2.74
CA LEU A 527 17.07 -14.33 -2.94
C LEU A 527 17.96 -13.35 -3.68
N PHE A 528 17.36 -12.54 -4.54
CA PHE A 528 18.11 -11.49 -5.18
C PHE A 528 18.65 -10.54 -4.11
N TRP A 529 17.84 -10.14 -3.12
CA TRP A 529 18.36 -9.22 -2.09
C TRP A 529 19.38 -9.87 -1.21
N ARG A 530 19.19 -11.15 -0.92
CA ARG A 530 20.12 -11.90 -0.07
C ARG A 530 21.45 -12.03 -0.78
N ALA A 531 21.42 -12.24 -2.09
CA ALA A 531 22.66 -12.25 -2.85
C ALA A 531 23.41 -10.92 -2.69
N LEU A 532 22.69 -9.83 -2.90
CA LEU A 532 23.28 -8.51 -2.80
C LEU A 532 23.83 -8.28 -1.40
N ALA A 533 23.12 -8.73 -0.39
CA ALA A 533 23.62 -8.55 0.96
C ALA A 533 24.93 -9.29 1.17
N MET A 534 25.02 -10.49 0.60
CA MET A 534 26.23 -11.29 0.71
C MET A 534 27.39 -10.68 -0.02
N LEU A 535 27.14 -10.01 -1.12
CA LEU A 535 28.22 -9.33 -1.82
C LEU A 535 28.73 -8.22 -0.94
N GLN A 536 27.81 -7.43 -0.36
CA GLN A 536 28.25 -6.36 0.55
C GLN A 536 29.08 -6.97 1.70
N ARG A 537 28.60 -8.04 2.31
CA ARG A 537 29.29 -8.62 3.46
C ARG A 537 30.74 -9.04 3.11
N PHE A 538 30.89 -9.97 2.17
CA PHE A 538 32.18 -10.57 1.88
C PHE A 538 33.16 -9.68 1.12
N SER A 539 32.68 -8.63 0.47
CA SER A 539 33.52 -7.66 -0.28
C SER A 539 33.86 -6.44 0.57
N GLY A 540 32.91 -5.96 1.35
CA GLY A 540 33.11 -4.78 2.16
C GLY A 540 33.05 -3.52 1.32
N GLN A 541 32.70 -3.67 0.05
CA GLN A 541 32.76 -2.56 -0.89
C GLN A 541 31.36 -1.98 -1.02
N SER A 542 31.25 -0.86 -1.74
CA SER A 542 30.06 -0.02 -1.65
C SER A 542 28.84 -0.73 -2.20
N LYS A 543 27.69 -0.32 -1.71
CA LYS A 543 26.42 -0.76 -2.24
C LYS A 543 26.41 -0.64 -3.73
N ALA A 544 26.76 0.53 -4.24
CA ALA A 544 26.62 0.82 -5.68
C ALA A 544 27.55 -0.07 -6.52
N ARG A 545 28.72 -0.35 -5.96
CA ARG A 545 29.66 -1.24 -6.61
C ARG A 545 29.14 -2.67 -6.63
N CYS A 546 28.57 -3.08 -5.49
CA CYS A 546 28.06 -4.43 -5.33
C CYS A 546 26.89 -4.65 -6.27
N ILE A 547 26.01 -3.65 -6.37
CA ILE A 547 24.86 -3.74 -7.23
C ILE A 547 25.36 -3.82 -8.67
N GLU A 548 26.36 -3.02 -8.99
CA GLU A 548 26.87 -2.98 -10.38
C GLU A 548 27.51 -4.30 -10.77
N SER A 549 28.24 -4.90 -9.84
CA SER A 549 28.88 -6.17 -10.14
C SER A 549 27.91 -7.33 -10.37
N LEU A 550 26.88 -7.42 -9.53
CA LEU A 550 25.85 -8.44 -9.63
C LEU A 550 25.03 -8.30 -10.89
N LEU A 551 24.59 -7.10 -11.19
CA LEU A 551 23.77 -6.88 -12.40
C LEU A 551 24.58 -7.24 -13.64
N ARG A 552 25.86 -6.87 -13.62
CA ARG A 552 26.77 -7.23 -14.70
C ARG A 552 26.90 -8.74 -14.83
N ALA A 553 27.01 -9.43 -13.69
CA ALA A 553 27.12 -10.88 -13.69
C ALA A 553 25.86 -11.49 -14.27
N ILE A 554 24.71 -10.99 -13.80
CA ILE A 554 23.42 -11.52 -14.22
C ILE A 554 23.24 -11.35 -15.71
N HIS A 555 23.40 -10.12 -16.20
CA HIS A 555 23.08 -9.82 -17.59
C HIS A 555 24.19 -10.01 -18.61
N PHE A 556 25.43 -10.27 -18.16
CA PHE A 556 26.55 -10.57 -19.09
C PHE A 556 26.04 -11.60 -20.09
N PRO A 557 26.37 -11.44 -21.38
CA PRO A 557 27.17 -10.46 -22.12
C PRO A 557 26.59 -9.06 -22.43
N GLN A 558 25.28 -8.82 -22.33
CA GLN A 558 24.77 -7.43 -22.47
C GLN A 558 25.37 -6.61 -21.31
N PRO A 559 25.95 -5.42 -21.61
CA PRO A 559 26.44 -4.49 -20.56
C PRO A 559 25.32 -3.66 -19.90
N LEU A 560 25.64 -3.05 -18.77
CA LEU A 560 24.66 -2.20 -18.08
C LEU A 560 24.10 -1.07 -18.94
N SER A 561 22.85 -1.18 -19.33
CA SER A 561 22.12 -0.03 -19.83
C SER A 561 21.39 0.63 -18.70
N ASP A 562 20.77 1.75 -19.01
CA ASP A 562 19.93 2.46 -18.08
C ASP A 562 18.63 1.69 -17.91
N ASP A 563 18.17 0.99 -18.95
CA ASP A 563 16.96 0.14 -18.84
C ASP A 563 17.17 -0.95 -17.78
N ILE A 564 18.21 -1.75 -18.00
CA ILE A 564 18.64 -2.78 -17.10
C ILE A 564 18.75 -2.23 -15.69
N ARG A 565 19.41 -1.09 -15.49
CA ARG A 565 19.56 -0.56 -14.12
C ARG A 565 18.21 -0.32 -13.43
N ALA A 566 17.28 0.21 -14.21
CA ALA A 566 15.99 0.64 -13.73
C ALA A 566 14.97 -0.48 -13.76
N ALA A 567 15.37 -1.70 -14.11
CA ALA A 567 14.37 -2.73 -14.38
C ALA A 567 13.78 -3.28 -13.07
N PRO A 568 12.54 -3.78 -13.13
CA PRO A 568 11.99 -4.45 -11.95
C PRO A 568 12.82 -5.67 -11.57
N ILE A 569 12.99 -5.91 -10.28
CA ILE A 569 13.89 -6.99 -9.85
C ILE A 569 13.52 -8.32 -10.54
N SER A 570 12.24 -8.49 -10.91
CA SER A 570 11.85 -9.73 -11.62
C SER A 570 12.62 -9.97 -12.92
N CYS A 571 12.93 -8.89 -13.65
CA CYS A 571 13.83 -8.99 -14.81
C CYS A 571 15.19 -9.62 -14.41
N HIS A 572 15.83 -9.10 -13.38
CA HIS A 572 17.07 -9.72 -12.94
C HIS A 572 16.84 -11.15 -12.55
N VAL A 573 15.82 -11.40 -11.77
CA VAL A 573 15.53 -12.75 -11.35
C VAL A 573 15.35 -13.71 -12.55
N GLN A 574 14.55 -13.31 -13.53
CA GLN A 574 14.26 -14.16 -14.68
C GLN A 574 15.52 -14.56 -15.46
N VAL A 575 16.50 -13.67 -15.50
CA VAL A 575 17.75 -13.90 -16.21
C VAL A 575 18.75 -14.67 -15.34
N ALA A 576 18.89 -14.28 -14.08
CA ALA A 576 19.81 -14.97 -13.14
C ALA A 576 19.47 -16.45 -12.93
N HIS A 577 18.19 -16.71 -12.73
CA HIS A 577 17.67 -18.02 -12.43
C HIS A 577 18.18 -19.05 -13.39
N GLU A 578 18.44 -18.63 -14.63
CA GLU A 578 18.89 -19.51 -15.72
C GLU A 578 20.38 -19.78 -15.75
N LYS A 579 21.20 -18.95 -15.08
CA LYS A 579 22.67 -19.09 -15.16
C LYS A 579 23.31 -19.76 -13.93
N GLU A 580 24.61 -20.03 -13.99
CA GLU A 580 25.36 -20.70 -12.91
C GLU A 580 26.46 -19.80 -12.31
N GLN A 581 26.82 -20.07 -11.07
CA GLN A 581 27.86 -19.28 -10.36
C GLN A 581 27.70 -17.74 -10.49
N VAL A 582 26.47 -17.25 -10.66
CA VAL A 582 26.27 -15.82 -10.77
C VAL A 582 26.94 -15.11 -9.58
N ILE A 583 26.61 -15.50 -8.36
CA ILE A 583 27.08 -14.74 -7.21
C ILE A 583 28.57 -14.85 -7.01
N PRO A 584 29.12 -16.05 -7.12
CA PRO A 584 30.59 -16.12 -7.00
C PRO A 584 31.30 -15.25 -8.06
N ILE A 585 30.80 -15.30 -9.30
CA ILE A 585 31.44 -14.51 -10.36
C ILE A 585 31.39 -13.03 -10.00
N ALA A 586 30.24 -12.58 -9.49
CA ALA A 586 30.09 -11.19 -9.10
C ALA A 586 31.05 -10.84 -7.98
N LEU A 587 31.18 -11.74 -7.02
CA LEU A 587 32.10 -11.48 -5.94
C LEU A 587 33.54 -11.48 -6.44
N LEU A 588 33.89 -12.40 -7.33
CA LEU A 588 35.28 -12.43 -7.78
C LEU A 588 35.63 -11.10 -8.48
N SER A 589 34.76 -10.65 -9.38
CA SER A 589 34.96 -9.36 -10.04
C SER A 589 35.18 -8.23 -9.04
N LEU A 590 34.40 -8.20 -7.95
CA LEU A 590 34.51 -7.14 -6.94
C LEU A 590 35.86 -7.15 -6.22
N LEU A 591 36.32 -8.34 -5.81
CA LEU A 591 37.57 -8.48 -5.03
C LEU A 591 38.81 -8.19 -5.89
N PHE A 592 38.97 -8.92 -6.98
CA PHE A 592 40.02 -8.65 -7.99
C PHE A 592 39.86 -7.31 -8.77
N ARG A 593 38.80 -6.55 -8.49
CA ARG A 593 38.48 -5.30 -9.18
C ARG A 593 38.68 -5.46 -10.66
N CYS A 594 37.86 -6.32 -11.26
CA CYS A 594 38.07 -6.79 -12.63
C CYS A 594 36.74 -7.07 -13.37
N SER A 595 36.82 -7.25 -14.68
CA SER A 595 35.63 -7.45 -15.48
C SER A 595 34.99 -8.86 -15.30
N ILE A 596 33.75 -9.00 -15.80
CA ILE A 596 33.06 -10.26 -15.78
C ILE A 596 33.85 -11.23 -16.64
N THR A 597 34.43 -10.70 -17.70
CA THR A 597 35.20 -11.50 -18.60
C THR A 597 36.41 -12.06 -17.88
N GLU A 598 37.05 -11.19 -17.09
CA GLU A 598 38.29 -11.57 -16.44
C GLU A 598 38.02 -12.57 -15.31
N ALA A 599 37.03 -12.26 -14.48
CA ALA A 599 36.59 -13.14 -13.38
C ALA A 599 36.06 -14.50 -13.83
N GLN A 600 35.32 -14.55 -14.93
CA GLN A 600 34.86 -15.84 -15.48
C GLN A 600 36.02 -16.75 -15.83
N ALA A 601 37.02 -16.16 -16.47
CA ALA A 601 38.17 -16.90 -16.96
C ALA A 601 39.06 -17.32 -15.81
N HIS A 602 39.15 -16.48 -14.77
CA HIS A 602 39.85 -16.84 -13.55
C HIS A 602 39.17 -18.05 -12.93
N LEU A 603 37.86 -17.94 -12.75
CA LEU A 603 37.09 -19.03 -12.19
C LEU A 603 37.33 -20.34 -12.92
N ALA A 604 36.88 -20.43 -14.17
CA ALA A 604 37.11 -21.61 -15.01
C ALA A 604 38.54 -22.17 -14.86
N ALA A 605 39.54 -21.33 -14.60
CA ALA A 605 40.90 -21.80 -14.42
C ALA A 605 41.26 -21.88 -12.93
N ALA A 606 40.34 -22.37 -12.12
CA ALA A 606 40.67 -22.78 -10.76
C ALA A 606 40.07 -24.18 -10.54
N PRO A 607 40.58 -24.93 -9.54
CA PRO A 607 40.09 -26.30 -9.36
C PRO A 607 38.60 -26.39 -9.07
N SER A 608 38.06 -25.42 -8.34
CA SER A 608 36.65 -25.40 -8.01
C SER A 608 36.18 -23.98 -7.67
N VAL A 609 34.86 -23.82 -7.69
CA VAL A 609 34.21 -22.58 -7.28
C VAL A 609 34.59 -22.21 -5.84
N CYS A 610 34.44 -23.19 -4.94
CA CYS A 610 34.72 -23.02 -3.52
C CYS A 610 36.17 -22.62 -3.31
N GLU A 611 37.08 -23.34 -3.96
CA GLU A 611 38.52 -23.04 -3.79
C GLU A 611 38.83 -21.67 -4.36
N ALA A 612 38.21 -21.35 -5.49
CA ALA A 612 38.41 -20.06 -6.12
C ALA A 612 38.01 -18.95 -5.17
N VAL A 613 36.76 -18.99 -4.71
CA VAL A 613 36.21 -17.95 -3.83
C VAL A 613 36.99 -17.82 -2.53
N ARG A 614 37.20 -18.94 -1.86
CA ARG A 614 37.90 -18.96 -0.56
C ARG A 614 39.30 -18.30 -0.57
N SER A 615 40.05 -18.52 -1.65
CA SER A 615 41.42 -17.98 -1.80
C SER A 615 41.45 -16.58 -2.40
N ALA A 616 40.41 -16.20 -3.14
CA ALA A 616 40.22 -14.78 -3.47
C ALA A 616 39.91 -14.00 -2.18
N LEU A 617 39.16 -14.64 -1.28
CA LEU A 617 38.87 -14.03 0.01
C LEU A 617 40.08 -13.94 0.92
N ALA A 618 41.18 -14.61 0.59
CA ALA A 618 42.33 -14.74 1.51
C ALA A 618 43.20 -13.47 1.70
N MET B 13 7.23 5.45 22.60
CA MET B 13 6.32 6.62 22.61
C MET B 13 5.04 6.29 21.84
N PRO B 14 3.85 6.54 22.46
CA PRO B 14 2.61 6.43 21.72
C PRO B 14 2.37 7.74 21.00
N GLY B 15 1.93 7.66 19.74
CA GLY B 15 1.81 8.81 18.86
C GLY B 15 2.94 8.96 17.85
N THR B 16 3.91 8.05 17.86
CA THR B 16 5.06 8.21 16.97
C THR B 16 4.77 7.75 15.53
N LYS B 17 4.21 6.56 15.35
CA LYS B 17 3.83 6.12 14.00
C LYS B 17 2.91 7.17 13.34
N ARG B 18 1.89 7.63 14.05
CA ARG B 18 0.87 8.51 13.44
C ARG B 18 1.43 9.82 12.91
N PHE B 19 2.51 10.31 13.52
CA PHE B 19 3.02 11.63 13.23
C PHE B 19 4.39 11.57 12.60
N GLN B 20 4.81 10.40 12.14
CA GLN B 20 6.15 10.21 11.59
C GLN B 20 6.46 11.04 10.36
N HIS B 21 5.57 11.02 9.37
CA HIS B 21 5.76 11.85 8.17
C HIS B 21 5.99 13.35 8.42
N VAL B 22 5.53 13.88 9.55
CA VAL B 22 5.59 15.31 9.81
C VAL B 22 7.04 15.68 10.09
N ILE B 23 7.59 16.56 9.29
CA ILE B 23 8.94 17.06 9.46
C ILE B 23 9.00 18.06 10.62
N GLU B 24 10.19 18.13 11.28
CA GLU B 24 10.43 19.02 12.46
C GLU B 24 10.35 20.50 12.09
N THR B 25 9.84 21.33 13.00
CA THR B 25 9.76 22.74 12.74
C THR B 25 11.17 23.21 12.51
N PRO B 26 11.44 23.82 11.36
CA PRO B 26 12.77 24.42 11.18
C PRO B 26 13.07 25.49 12.25
N GLU B 27 14.34 25.78 12.51
CA GLU B 27 14.65 26.87 13.44
C GLU B 27 14.51 28.21 12.70
N PRO B 28 14.39 29.33 13.45
CA PRO B 28 14.11 30.63 12.81
C PRO B 28 15.08 31.01 11.71
N GLY B 29 14.57 31.62 10.64
CA GLY B 29 15.36 31.94 9.46
C GLY B 29 16.14 30.79 8.83
N LYS B 30 15.85 29.54 9.21
CA LYS B 30 16.47 28.40 8.53
C LYS B 30 15.41 27.60 7.76
N TRP B 31 14.29 28.24 7.38
CA TRP B 31 13.14 27.53 6.78
C TRP B 31 13.52 26.99 5.38
N GLU B 32 13.99 27.91 4.53
CA GLU B 32 14.75 27.60 3.32
C GLU B 32 15.73 26.39 3.39
N LEU B 33 16.84 26.55 4.14
CA LEU B 33 17.97 25.57 4.16
C LEU B 33 17.69 24.20 4.85
N SER B 34 16.56 24.05 5.53
CA SER B 34 16.18 22.76 6.17
C SER B 34 15.39 21.83 5.26
N GLY B 35 14.78 22.37 4.20
CA GLY B 35 14.07 21.51 3.26
C GLY B 35 12.79 20.93 3.82
N TYR B 36 12.30 21.50 4.92
CA TYR B 36 10.90 21.39 5.27
C TYR B 36 10.09 22.00 4.14
N GLU B 37 10.54 23.17 3.64
CA GLU B 37 9.84 23.89 2.56
C GLU B 37 9.88 23.12 1.27
N ALA B 38 11.01 22.50 1.00
CA ALA B 38 11.20 21.72 -0.22
C ALA B 38 10.20 20.56 -0.27
N ALA B 39 9.79 20.08 0.89
CA ALA B 39 8.79 19.03 1.05
C ALA B 39 7.32 19.52 1.08
N VAL B 40 7.10 20.82 1.16
CA VAL B 40 5.74 21.32 1.31
C VAL B 40 5.19 21.17 -0.08
N PRO B 41 4.08 20.42 -0.23
CA PRO B 41 3.54 20.21 -1.57
C PRO B 41 3.13 21.53 -2.27
N ILE B 42 3.22 21.56 -3.61
CA ILE B 42 2.92 22.85 -4.30
C ILE B 42 1.52 23.27 -3.95
N THR B 43 0.57 22.37 -4.08
CA THR B 43 -0.81 22.68 -3.76
C THR B 43 -0.95 23.30 -2.35
N GLU B 44 -0.07 22.94 -1.42
CA GLU B 44 -0.06 23.50 -0.06
C GLU B 44 0.83 24.72 0.19
N LYS B 45 1.70 25.08 -0.76
CA LYS B 45 2.68 26.15 -0.50
C LYS B 45 1.98 27.48 -0.34
N SER B 46 2.66 28.43 0.28
CA SER B 46 2.21 29.83 0.27
C SER B 46 2.59 30.38 -1.09
N ASN B 47 1.75 31.16 -1.72
CA ASN B 47 2.19 31.71 -3.00
C ASN B 47 2.96 32.97 -2.71
N PRO B 48 4.21 33.05 -3.17
CA PRO B 48 4.96 34.30 -2.86
C PRO B 48 4.22 35.59 -3.30
N LEU B 49 3.49 35.52 -4.40
CA LEU B 49 2.76 36.69 -4.85
C LEU B 49 1.74 37.21 -3.83
N THR B 50 1.19 36.34 -3.00
CA THR B 50 0.08 36.74 -2.16
C THR B 50 0.46 36.84 -0.69
N GLN B 51 1.75 36.84 -0.38
CA GLN B 51 2.24 36.96 1.01
C GLN B 51 1.53 38.05 1.81
N ASP B 52 1.25 39.21 1.21
CA ASP B 52 0.60 40.31 1.92
C ASP B 52 -0.81 40.58 1.42
N LEU B 53 -1.51 39.52 1.04
CA LEU B 53 -2.90 39.61 0.58
C LEU B 53 -3.84 40.18 1.65
N ASP B 54 -3.57 39.91 2.92
CA ASP B 54 -4.40 40.38 4.02
C ASP B 54 -4.30 41.89 4.25
N LYS B 55 -3.31 42.54 3.61
CA LYS B 55 -3.12 44.00 3.66
C LYS B 55 -3.54 44.73 2.37
N ALA B 56 -3.98 44.00 1.36
CA ALA B 56 -4.28 44.57 0.05
C ALA B 56 -5.75 44.99 -0.09
N ASP B 57 -6.00 45.98 -0.96
CA ASP B 57 -7.36 46.41 -1.32
C ASP B 57 -7.98 45.58 -2.46
N ALA B 58 -9.25 45.81 -2.71
CA ALA B 58 -10.02 44.99 -3.63
C ALA B 58 -9.39 44.97 -4.99
N GLU B 59 -9.00 46.15 -5.45
CA GLU B 59 -8.44 46.26 -6.81
C GLU B 59 -7.08 45.49 -6.88
N ASN B 60 -6.27 45.57 -5.83
CA ASN B 60 -5.06 44.73 -5.75
C ASN B 60 -5.34 43.21 -5.61
N ILE B 61 -6.34 42.82 -4.82
CA ILE B 61 -6.67 41.39 -4.69
C ILE B 61 -7.02 40.80 -6.05
N VAL B 62 -7.73 41.58 -6.85
CA VAL B 62 -8.17 41.10 -8.15
C VAL B 62 -6.96 40.93 -9.09
N ARG B 63 -5.96 41.79 -8.86
CA ARG B 63 -4.73 41.76 -9.63
C ARG B 63 -3.93 40.51 -9.25
N LEU B 64 -3.75 40.30 -7.95
CA LEU B 64 -2.89 39.23 -7.46
C LEU B 64 -3.49 37.88 -7.78
N LEU B 65 -4.80 37.75 -7.60
CA LEU B 65 -5.41 36.47 -7.92
C LEU B 65 -5.33 36.24 -9.42
N GLY B 66 -5.47 37.33 -10.19
CA GLY B 66 -5.36 37.27 -11.64
C GLY B 66 -3.99 36.68 -11.97
N GLN B 67 -2.96 37.20 -11.31
CA GLN B 67 -1.63 36.68 -11.57
C GLN B 67 -1.53 35.19 -11.24
N CYS B 68 -2.05 34.80 -10.06
CA CYS B 68 -2.18 33.39 -9.67
C CYS B 68 -2.86 32.54 -10.75
N ASP B 69 -3.99 32.97 -11.30
CA ASP B 69 -4.72 32.12 -12.26
C ASP B 69 -3.93 31.90 -13.56
N ALA B 70 -3.30 32.99 -14.01
CA ALA B 70 -2.35 32.99 -15.12
C ALA B 70 -1.26 31.95 -15.00
N GLU B 71 -0.87 31.62 -13.78
CA GLU B 71 0.18 30.63 -13.58
C GLU B 71 -0.21 29.25 -14.21
N ILE B 72 -1.51 28.97 -14.30
CA ILE B 72 -1.94 27.74 -14.95
C ILE B 72 -1.27 27.60 -16.33
N PHE B 73 -1.05 28.73 -17.00
CA PHE B 73 -0.57 28.74 -18.40
C PHE B 73 0.92 29.01 -18.56
N GLN B 74 1.51 29.65 -17.58
CA GLN B 74 2.97 29.77 -17.51
C GLN B 74 3.81 28.55 -17.99
N GLU B 75 4.72 28.80 -18.93
CA GLU B 75 5.56 27.72 -19.47
C GLU B 75 6.71 27.39 -18.54
N GLU B 76 7.34 26.24 -18.79
CA GLU B 76 8.48 25.75 -18.01
C GLU B 76 9.70 26.65 -18.19
N GLY B 77 10.39 26.94 -17.08
CA GLY B 77 11.63 27.72 -17.11
C GLY B 77 12.84 26.81 -17.28
N GLN B 78 13.96 27.17 -16.63
CA GLN B 78 15.21 26.39 -16.68
C GLN B 78 16.08 26.64 -15.44
N SER B 81 15.41 20.51 -12.90
CA SER B 81 15.52 21.74 -12.11
C SER B 81 14.16 22.41 -11.81
N THR B 82 13.26 22.42 -12.79
CA THR B 82 11.91 22.98 -12.66
C THR B 82 10.89 21.86 -12.84
N TYR B 83 9.63 22.16 -12.51
CA TYR B 83 8.57 21.17 -12.65
C TYR B 83 7.88 21.26 -14.01
N GLN B 84 7.56 20.09 -14.52
CA GLN B 84 6.72 19.89 -15.70
C GLN B 84 5.46 20.76 -15.59
N ARG B 85 5.06 21.39 -16.70
CA ARG B 85 3.94 22.34 -16.69
C ARG B 85 2.93 22.10 -17.79
N LEU B 86 1.85 22.88 -17.78
CA LEU B 86 0.74 22.62 -18.69
C LEU B 86 1.11 22.48 -20.20
N TYR B 87 1.99 23.34 -20.71
CA TYR B 87 2.40 23.29 -22.14
C TYR B 87 3.66 22.47 -22.41
N SER B 88 4.26 21.94 -21.33
CA SER B 88 5.39 21.05 -21.44
C SER B 88 5.08 19.80 -22.25
N GLU B 89 6.12 19.28 -22.89
CA GLU B 89 5.98 18.32 -23.98
C GLU B 89 5.52 16.95 -23.46
N SER B 90 5.89 16.60 -22.23
CA SER B 90 5.42 15.35 -21.63
C SER B 90 3.93 15.39 -21.28
N ILE B 91 3.48 16.52 -20.76
CA ILE B 91 2.07 16.70 -20.43
C ILE B 91 1.19 16.64 -21.68
N LEU B 92 1.51 17.45 -22.70
CA LEU B 92 0.80 17.35 -24.00
C LEU B 92 0.88 15.93 -24.53
N THR B 93 2.02 15.27 -24.42
CA THR B 93 2.08 13.84 -24.76
C THR B 93 1.03 13.02 -23.93
N THR B 94 1.03 13.13 -22.58
CA THR B 94 0.10 12.35 -21.78
C THR B 94 -1.34 12.63 -22.24
N MET B 95 -1.67 13.92 -22.38
CA MET B 95 -3.01 14.35 -22.79
C MET B 95 -3.43 13.62 -24.06
N VAL B 96 -2.57 13.66 -25.07
CA VAL B 96 -2.98 13.13 -26.36
C VAL B 96 -3.10 11.60 -26.27
N GLN B 97 -2.25 10.96 -25.48
CA GLN B 97 -2.28 9.52 -25.42
C GLN B 97 -3.58 9.14 -24.73
N VAL B 98 -3.92 9.84 -23.65
CA VAL B 98 -5.20 9.62 -22.96
C VAL B 98 -6.46 9.85 -23.82
N ALA B 99 -6.51 10.96 -24.55
CA ALA B 99 -7.56 11.24 -25.54
C ALA B 99 -7.65 10.06 -26.49
N GLY B 100 -6.48 9.53 -26.83
CA GLY B 100 -6.36 8.35 -27.67
C GLY B 100 -7.10 7.21 -27.03
N LYS B 101 -6.85 6.99 -25.75
CA LYS B 101 -7.51 5.89 -25.08
C LYS B 101 -9.02 6.12 -24.94
N VAL B 102 -9.42 7.38 -24.86
CA VAL B 102 -10.82 7.68 -24.74
C VAL B 102 -11.49 7.38 -26.06
N GLN B 103 -10.76 7.62 -27.15
CA GLN B 103 -11.30 7.39 -28.49
C GLN B 103 -11.58 5.91 -28.76
N GLU B 104 -10.69 5.03 -28.30
CA GLU B 104 -10.97 3.61 -28.37
C GLU B 104 -12.35 3.38 -27.74
N VAL B 105 -12.55 3.89 -26.53
CA VAL B 105 -13.84 3.66 -25.89
C VAL B 105 -14.94 4.30 -26.69
N LEU B 106 -14.72 5.51 -27.21
CA LEU B 106 -15.73 6.18 -28.04
C LEU B 106 -16.27 5.29 -29.18
N LYS B 107 -15.38 4.56 -29.85
CA LYS B 107 -15.74 3.68 -30.98
C LYS B 107 -16.05 2.22 -30.61
N GLU B 108 -16.50 1.97 -29.39
CA GLU B 108 -17.01 0.67 -29.02
C GLU B 108 -17.85 0.84 -27.77
N PRO B 109 -18.94 1.62 -27.85
CA PRO B 109 -19.83 1.89 -26.71
C PRO B 109 -20.31 0.64 -25.96
N ASP B 110 -20.68 -0.42 -26.66
CA ASP B 110 -21.19 -1.60 -25.97
C ASP B 110 -20.18 -1.99 -24.88
N GLY B 111 -20.54 -1.73 -23.62
CA GLY B 111 -19.71 -2.09 -22.45
C GLY B 111 -18.75 -1.01 -21.93
N GLY B 112 -18.66 0.12 -22.62
CA GLY B 112 -17.70 1.13 -22.29
C GLY B 112 -18.27 2.14 -21.32
N LEU B 113 -17.41 2.73 -20.49
CA LEU B 113 -17.80 3.83 -19.58
C LEU B 113 -16.62 4.75 -19.32
N VAL B 114 -16.88 6.05 -19.17
CA VAL B 114 -15.83 6.98 -18.77
C VAL B 114 -16.23 7.65 -17.47
N VAL B 115 -15.35 7.52 -16.47
CA VAL B 115 -15.69 7.88 -15.13
C VAL B 115 -14.77 9.01 -14.72
N LEU B 116 -15.37 10.12 -14.33
CA LEU B 116 -14.71 11.27 -13.79
C LEU B 116 -15.00 11.31 -12.29
N SER B 117 -13.97 11.30 -11.43
CA SER B 117 -14.22 11.08 -9.99
C SER B 117 -13.37 11.92 -9.08
N GLY B 118 -13.93 12.38 -7.97
CA GLY B 118 -13.14 13.12 -7.01
C GLY B 118 -13.88 13.56 -5.78
N GLY B 119 -13.15 14.09 -4.81
CA GLY B 119 -13.78 14.69 -3.64
C GLY B 119 -13.92 16.18 -3.81
N GLY B 120 -14.83 16.81 -3.07
CA GLY B 120 -14.87 18.25 -2.95
C GLY B 120 -15.09 18.89 -4.32
N THR B 121 -14.48 20.05 -4.52
CA THR B 121 -14.55 20.77 -5.77
C THR B 121 -14.10 19.89 -6.93
N SER B 122 -13.25 18.92 -6.66
CA SER B 122 -12.77 18.09 -7.74
C SER B 122 -13.92 17.26 -8.22
N GLY B 123 -14.78 16.84 -7.30
CA GLY B 123 -15.94 16.04 -7.67
C GLY B 123 -16.96 16.92 -8.35
N ARG B 124 -17.08 18.17 -7.90
CA ARG B 124 -17.98 19.14 -8.49
C ARG B 124 -17.61 19.37 -9.96
N MET B 125 -16.34 19.54 -10.26
CA MET B 125 -15.89 19.69 -11.64
C MET B 125 -16.12 18.40 -12.43
N ALA B 126 -15.95 17.23 -11.82
CA ALA B 126 -16.28 15.97 -12.52
C ALA B 126 -17.75 15.91 -12.95
N PHE B 127 -18.65 16.31 -12.07
CA PHE B 127 -20.06 16.33 -12.39
C PHE B 127 -20.30 17.24 -13.59
N LEU B 128 -19.88 18.51 -13.51
CA LEU B 128 -20.09 19.45 -14.64
C LEU B 128 -19.60 18.83 -15.96
N MET B 129 -18.33 18.50 -16.03
CA MET B 129 -17.80 17.98 -17.25
C MET B 129 -18.61 16.80 -17.75
N SER B 130 -18.96 15.84 -16.91
CA SER B 130 -19.74 14.68 -17.38
C SER B 130 -21.09 15.12 -18.06
N VAL B 131 -21.78 16.07 -17.46
CA VAL B 131 -22.95 16.59 -18.09
C VAL B 131 -22.57 17.09 -19.48
N SER B 132 -21.65 18.04 -19.56
CA SER B 132 -21.25 18.57 -20.86
C SER B 132 -20.91 17.48 -21.90
N PHE B 133 -20.13 16.49 -21.57
CA PHE B 133 -19.80 15.53 -22.63
C PHE B 133 -20.90 14.49 -22.90
N ASN B 134 -21.79 14.28 -21.94
CA ASN B 134 -22.98 13.51 -22.27
C ASN B 134 -23.89 14.34 -23.20
N GLN B 135 -24.06 15.63 -22.91
CA GLN B 135 -24.82 16.55 -23.77
C GLN B 135 -24.34 16.49 -25.23
N LEU B 136 -23.04 16.26 -25.40
CA LEU B 136 -22.39 16.25 -26.72
C LEU B 136 -22.52 14.93 -27.45
N MET B 137 -22.42 13.81 -26.76
CA MET B 137 -22.72 12.53 -27.40
C MET B 137 -24.22 12.46 -27.80
N LYS B 138 -25.07 13.15 -27.04
CA LYS B 138 -26.51 13.22 -27.31
C LYS B 138 -26.72 13.89 -28.65
N GLY B 139 -26.27 15.13 -28.78
CA GLY B 139 -26.31 15.87 -30.05
C GLY B 139 -25.65 15.21 -31.26
N LEU B 140 -25.24 13.94 -31.16
CA LEU B 140 -24.83 13.18 -32.33
C LEU B 140 -25.46 11.79 -32.33
N GLY B 141 -26.53 11.64 -31.56
CA GLY B 141 -27.18 10.35 -31.37
C GLY B 141 -26.22 9.23 -31.03
N GLN B 142 -25.18 9.54 -30.25
CA GLN B 142 -24.31 8.53 -29.69
C GLN B 142 -24.90 8.23 -28.32
N LYS B 143 -24.75 6.98 -27.88
CA LYS B 143 -25.08 6.60 -26.50
C LYS B 143 -24.13 7.35 -25.55
N PRO B 144 -24.68 8.11 -24.57
CA PRO B 144 -23.86 8.84 -23.58
C PRO B 144 -23.02 7.92 -22.68
N LEU B 145 -21.72 8.17 -22.61
CA LEU B 145 -20.80 7.28 -21.90
C LEU B 145 -20.19 7.82 -20.61
N TYR B 146 -20.48 9.07 -20.28
CA TYR B 146 -19.83 9.68 -19.16
C TYR B 146 -20.70 9.56 -17.95
N THR B 147 -20.07 9.74 -16.79
CA THR B 147 -20.72 9.67 -15.51
C THR B 147 -19.71 10.16 -14.50
N TYR B 148 -20.18 10.45 -13.29
CA TYR B 148 -19.31 11.07 -12.28
C TYR B 148 -19.43 10.37 -10.94
N LEU B 149 -18.44 10.58 -10.09
CA LEU B 149 -18.45 10.06 -8.72
C LEU B 149 -17.90 11.17 -7.89
N ILE B 150 -18.60 11.54 -6.82
CA ILE B 150 -18.04 12.50 -5.87
C ILE B 150 -18.16 11.93 -4.44
N ALA B 151 -17.17 12.19 -3.61
CA ALA B 151 -17.18 11.72 -2.22
C ALA B 151 -18.48 12.09 -1.57
N GLY B 152 -19.05 11.14 -0.85
CA GLY B 152 -20.31 11.32 -0.17
C GLY B 152 -21.57 11.14 -0.99
N GLY B 153 -21.40 10.61 -2.21
CA GLY B 153 -22.48 10.49 -3.21
C GLY B 153 -23.08 11.80 -3.72
N ASP B 154 -24.11 11.65 -4.54
CA ASP B 154 -24.57 12.73 -5.41
C ASP B 154 -25.04 13.97 -4.71
N ARG B 155 -25.50 13.83 -3.48
CA ARG B 155 -25.89 15.04 -2.72
C ARG B 155 -24.71 16.00 -2.50
N SER B 156 -23.50 15.46 -2.38
CA SER B 156 -22.27 16.25 -2.19
C SER B 156 -22.02 17.34 -3.20
N VAL B 157 -22.59 17.20 -4.41
CA VAL B 157 -22.33 18.14 -5.49
C VAL B 157 -22.65 19.60 -5.10
N VAL B 158 -23.62 19.79 -4.21
CA VAL B 158 -24.05 21.13 -3.84
C VAL B 158 -23.95 21.42 -2.35
N ALA B 159 -23.28 20.56 -1.62
CA ALA B 159 -23.14 20.77 -0.19
C ALA B 159 -21.68 20.83 0.17
N SER B 160 -21.43 21.33 1.37
CA SER B 160 -20.13 21.27 2.01
C SER B 160 -20.08 19.97 2.73
N ARG B 161 -19.20 19.05 2.35
CA ARG B 161 -19.14 17.73 2.95
C ARG B 161 -17.72 17.18 2.92
N GLU B 162 -16.83 17.95 3.57
CA GLU B 162 -15.36 17.74 3.50
C GLU B 162 -14.88 16.43 4.09
N GLY B 163 -15.69 15.83 4.96
CA GLY B 163 -15.31 14.61 5.66
C GLY B 163 -15.43 13.34 4.89
N THR B 164 -16.05 13.38 3.72
CA THR B 164 -16.40 12.18 2.99
C THR B 164 -15.29 11.60 2.18
N GLU B 165 -14.20 12.35 2.04
CA GLU B 165 -13.11 12.00 1.11
C GLU B 165 -12.04 11.05 1.68
N ASP B 166 -12.15 10.73 2.96
CA ASP B 166 -11.04 10.13 3.70
C ASP B 166 -11.01 8.60 3.64
N SER B 167 -11.92 8.00 2.89
CA SER B 167 -12.05 6.55 2.90
C SER B 167 -11.76 5.97 1.54
N ALA B 168 -10.79 5.08 1.51
CA ALA B 168 -10.41 4.42 0.30
C ALA B 168 -11.54 3.54 -0.16
N LEU B 169 -12.14 2.80 0.77
CA LEU B 169 -13.19 1.83 0.44
C LEU B 169 -14.48 2.46 -0.06
N HIS B 170 -14.86 3.58 0.51
CA HIS B 170 -15.99 4.28 -0.05
C HIS B 170 -15.75 4.57 -1.54
N GLY B 171 -14.52 4.96 -1.86
CA GLY B 171 -14.15 5.24 -3.25
C GLY B 171 -14.38 4.00 -4.08
N ILE B 172 -13.90 2.88 -3.57
CA ILE B 172 -13.96 1.67 -4.33
C ILE B 172 -15.39 1.20 -4.51
N GLU B 173 -16.25 1.37 -3.52
CA GLU B 173 -17.66 0.91 -3.66
C GLU B 173 -18.37 1.70 -4.76
N GLU B 174 -18.36 3.02 -4.64
CA GLU B 174 -18.99 3.87 -5.64
C GLU B 174 -18.58 3.55 -7.09
N LEU B 175 -17.34 3.08 -7.27
CA LEU B 175 -16.80 2.79 -8.58
C LEU B 175 -17.31 1.44 -8.99
N LYS B 176 -17.30 0.48 -8.09
CA LYS B 176 -17.85 -0.85 -8.38
C LYS B 176 -19.32 -0.81 -8.76
N LYS B 177 -20.09 0.05 -8.11
CA LYS B 177 -21.50 0.19 -8.42
C LYS B 177 -21.70 0.73 -9.81
N VAL B 178 -21.06 1.85 -10.09
CA VAL B 178 -21.16 2.44 -11.40
C VAL B 178 -20.57 1.54 -12.53
N ALA B 179 -19.55 0.75 -12.27
CA ALA B 179 -18.84 0.03 -13.35
C ALA B 179 -19.21 -1.45 -13.47
N ALA B 180 -20.31 -1.84 -12.80
CA ALA B 180 -20.73 -3.24 -12.72
C ALA B 180 -21.18 -3.76 -14.09
N GLY B 181 -20.63 -4.91 -14.47
CA GLY B 181 -20.94 -5.50 -15.75
C GLY B 181 -20.41 -4.81 -17.02
N LYS B 182 -19.59 -3.76 -16.89
CA LYS B 182 -19.05 -3.12 -18.09
C LYS B 182 -17.82 -3.91 -18.49
N LYS B 183 -17.27 -3.65 -19.67
CA LYS B 183 -16.08 -4.35 -20.16
C LYS B 183 -14.85 -3.45 -20.27
N ARG B 184 -15.05 -2.18 -20.65
CA ARG B 184 -13.95 -1.21 -20.67
C ARG B 184 -14.35 0.07 -19.94
N VAL B 185 -13.63 0.37 -18.84
CA VAL B 185 -13.92 1.56 -18.00
C VAL B 185 -12.67 2.46 -17.88
N ILE B 186 -12.77 3.70 -18.32
CA ILE B 186 -11.69 4.65 -18.11
C ILE B 186 -12.04 5.44 -16.88
N VAL B 187 -11.10 5.49 -15.93
CA VAL B 187 -11.40 6.02 -14.61
C VAL B 187 -10.47 7.19 -14.42
N ILE B 188 -11.02 8.40 -14.39
CA ILE B 188 -10.21 9.60 -14.24
C ILE B 188 -10.34 10.06 -12.80
N GLY B 189 -9.24 9.84 -12.06
CA GLY B 189 -9.14 10.14 -10.64
C GLY B 189 -8.59 11.53 -10.46
N ILE B 190 -9.45 12.45 -10.06
CA ILE B 190 -9.04 13.79 -9.83
C ILE B 190 -8.83 14.09 -8.36
N SER B 191 -7.58 14.39 -8.00
CA SER B 191 -7.28 14.98 -6.70
C SER B 191 -6.15 15.96 -6.90
N VAL B 192 -6.45 17.23 -6.69
CA VAL B 192 -5.54 18.29 -7.00
C VAL B 192 -4.24 18.05 -6.27
N GLY B 193 -4.32 17.69 -4.99
CA GLY B 193 -3.13 17.53 -4.18
C GLY B 193 -2.43 16.20 -4.38
N LEU B 194 -2.96 15.32 -5.21
CA LEU B 194 -2.60 13.91 -5.18
C LEU B 194 -2.75 13.44 -3.74
N SER B 195 -3.98 13.50 -3.25
CA SER B 195 -4.26 13.50 -1.83
C SER B 195 -5.46 12.69 -1.32
N ALA B 196 -6.56 12.65 -2.07
CA ALA B 196 -7.79 12.08 -1.56
C ALA B 196 -7.70 10.57 -1.52
N PRO B 197 -7.92 9.99 -0.35
CA PRO B 197 -8.09 8.54 -0.22
C PRO B 197 -9.22 7.99 -1.08
N PHE B 198 -10.35 8.71 -1.15
CA PHE B 198 -11.42 8.36 -2.07
C PHE B 198 -10.85 7.98 -3.45
N VAL B 199 -10.00 8.84 -4.04
CA VAL B 199 -9.40 8.55 -5.32
C VAL B 199 -8.30 7.50 -5.22
N ALA B 200 -7.51 7.53 -4.15
CA ALA B 200 -6.41 6.58 -4.07
C ALA B 200 -6.88 5.14 -4.23
N GLY B 201 -7.97 4.76 -3.58
CA GLY B 201 -8.46 3.39 -3.70
C GLY B 201 -8.90 3.03 -5.12
N GLN B 202 -9.68 3.93 -5.73
CA GLN B 202 -10.19 3.71 -7.09
C GLN B 202 -9.05 3.37 -8.03
N MET B 203 -8.02 4.20 -8.02
CA MET B 203 -6.85 3.95 -8.83
C MET B 203 -6.23 2.61 -8.48
N ASP B 204 -6.07 2.29 -7.19
CA ASP B 204 -5.35 1.06 -6.83
C ASP B 204 -6.18 -0.16 -7.31
N CYS B 205 -7.49 -0.05 -7.11
CA CYS B 205 -8.41 -1.01 -7.62
C CYS B 205 -8.23 -1.14 -9.11
N CYS B 206 -8.36 -0.04 -9.83
CA CYS B 206 -8.11 -0.07 -11.27
C CYS B 206 -6.86 -0.88 -11.63
N MET B 207 -5.72 -0.58 -11.00
CA MET B 207 -4.48 -1.26 -11.41
C MET B 207 -4.56 -2.76 -11.13
N ASN B 208 -5.38 -3.20 -10.19
CA ASN B 208 -5.52 -4.64 -9.99
C ASN B 208 -6.43 -5.33 -11.04
N ASN B 209 -7.12 -4.59 -11.92
CA ASN B 209 -7.93 -5.22 -12.97
C ASN B 209 -7.87 -4.38 -14.27
N THR B 210 -6.74 -4.51 -14.97
CA THR B 210 -6.42 -3.66 -16.13
C THR B 210 -7.05 -4.20 -17.38
N ALA B 211 -7.41 -5.48 -17.36
CA ALA B 211 -8.32 -6.05 -18.35
C ALA B 211 -9.54 -5.14 -18.64
N VAL B 212 -10.11 -4.57 -17.59
CA VAL B 212 -11.29 -3.74 -17.67
C VAL B 212 -11.02 -2.25 -17.50
N PHE B 213 -10.18 -1.90 -16.53
CA PHE B 213 -9.98 -0.50 -16.13
C PHE B 213 -8.70 0.10 -16.67
N LEU B 214 -8.81 1.31 -17.21
CA LEU B 214 -7.68 2.20 -17.38
C LEU B 214 -7.81 3.43 -16.42
N PRO B 215 -6.93 3.50 -15.41
CA PRO B 215 -6.92 4.67 -14.55
C PRO B 215 -6.11 5.84 -15.07
N VAL B 216 -6.66 7.04 -14.95
CA VAL B 216 -5.94 8.23 -15.27
C VAL B 216 -5.94 9.11 -14.04
N LEU B 217 -4.77 9.33 -13.46
CA LEU B 217 -4.67 10.19 -12.28
C LEU B 217 -4.45 11.64 -12.70
N VAL B 218 -5.15 12.57 -12.10
CA VAL B 218 -5.05 13.95 -12.52
C VAL B 218 -4.93 14.80 -11.29
N GLY B 219 -3.91 15.66 -11.27
CA GLY B 219 -3.76 16.60 -10.17
C GLY B 219 -2.60 17.48 -10.51
N PHE B 220 -2.07 18.19 -9.52
CA PHE B 220 -1.15 19.29 -9.78
C PHE B 220 0.09 19.39 -8.87
N ASN B 221 0.46 18.27 -8.27
CA ASN B 221 1.73 18.11 -7.58
C ASN B 221 2.50 17.02 -8.30
N PRO B 222 3.82 17.09 -8.24
CA PRO B 222 4.59 15.97 -8.74
C PRO B 222 4.42 14.75 -7.84
N VAL B 223 4.61 13.58 -8.43
CA VAL B 223 4.46 12.34 -7.73
C VAL B 223 5.32 12.31 -6.47
N SER B 224 6.50 12.90 -6.50
CA SER B 224 7.35 12.92 -5.31
C SER B 224 6.79 13.67 -4.08
N MET B 225 5.72 14.42 -4.28
CA MET B 225 5.07 15.25 -3.27
C MET B 225 3.64 14.77 -3.08
N ALA B 226 3.32 13.58 -3.58
CA ALA B 226 1.99 13.03 -3.39
C ALA B 226 1.94 12.59 -1.96
N ARG B 227 0.74 12.69 -1.39
CA ARG B 227 0.49 12.43 0.03
C ARG B 227 0.99 11.10 0.38
N ASN B 228 1.57 10.96 1.55
CA ASN B 228 2.21 9.71 1.92
C ASN B 228 2.00 9.35 3.39
N ASP B 229 0.91 9.84 3.98
CA ASP B 229 0.53 9.44 5.31
C ASP B 229 -0.44 8.29 5.18
N PRO B 230 -0.48 7.38 6.18
CA PRO B 230 -1.34 6.23 6.03
C PRO B 230 -2.81 6.62 5.92
N ILE B 231 -3.53 5.97 5.01
CA ILE B 231 -4.98 6.10 4.82
C ILE B 231 -5.65 5.10 5.72
N GLU B 232 -6.61 5.56 6.48
CA GLU B 232 -7.04 4.77 7.61
C GLU B 232 -7.60 3.38 7.26
N ASP B 233 -8.05 3.15 6.03
CA ASP B 233 -8.53 1.82 5.61
C ASP B 233 -7.83 1.31 4.34
N TRP B 234 -6.52 1.48 4.26
CA TRP B 234 -5.83 1.13 3.04
C TRP B 234 -4.34 1.06 3.38
N SER B 235 -3.68 0.04 2.90
CA SER B 235 -2.31 -0.23 3.34
C SER B 235 -1.27 0.56 2.54
N SER B 236 -1.56 0.76 1.24
CA SER B 236 -0.77 1.62 0.39
C SER B 236 -1.25 3.04 0.51
N THR B 237 -0.44 3.96 0.01
CA THR B 237 -0.41 5.38 0.39
C THR B 237 -0.57 6.06 -0.97
N PHE B 238 -1.07 7.30 -1.02
CA PHE B 238 -1.30 7.95 -2.36
C PHE B 238 -0.06 7.93 -3.28
N ARG B 239 1.06 8.37 -2.72
CA ARG B 239 2.35 8.36 -3.39
C ARG B 239 2.73 7.00 -4.02
N GLN B 240 2.35 5.91 -3.38
CA GLN B 240 2.77 4.58 -3.83
C GLN B 240 1.94 4.21 -5.01
N VAL B 241 0.67 4.60 -4.92
CA VAL B 241 -0.29 4.35 -6.01
C VAL B 241 0.13 5.19 -7.18
N ALA B 242 0.35 6.48 -6.96
CA ALA B 242 0.83 7.35 -8.04
C ALA B 242 2.15 6.87 -8.64
N GLU B 243 3.09 6.45 -7.79
CA GLU B 243 4.37 5.92 -8.25
C GLU B 243 4.15 4.74 -9.17
N ARG B 244 3.24 3.85 -8.79
CA ARG B 244 2.98 2.62 -9.56
C ARG B 244 2.26 2.89 -10.89
N MET B 245 1.28 3.80 -10.86
CA MET B 245 0.63 4.28 -12.06
C MET B 245 1.67 4.81 -13.06
N GLN B 246 2.65 5.57 -12.58
CA GLN B 246 3.73 6.01 -13.46
C GLN B 246 4.52 4.94 -14.17
N LYS B 247 4.95 3.86 -13.53
CA LYS B 247 5.66 2.81 -14.29
C LYS B 247 4.71 2.00 -15.19
N MET B 248 3.42 2.10 -14.92
CA MET B 248 2.48 1.50 -15.84
C MET B 248 2.24 2.39 -17.08
N GLN B 249 2.45 3.69 -16.97
CA GLN B 249 2.36 4.56 -18.14
C GLN B 249 3.27 4.13 -19.30
N GLU B 250 4.50 3.70 -19.03
CA GLU B 250 5.39 3.18 -20.09
C GLU B 250 4.69 2.18 -20.99
N LYS B 251 3.89 1.27 -20.44
CA LYS B 251 3.05 0.35 -21.23
C LYS B 251 1.65 0.94 -21.56
N GLN B 252 1.48 2.26 -21.49
CA GLN B 252 0.18 2.92 -21.65
C GLN B 252 -1.01 2.19 -20.98
N LYS B 253 -0.80 1.77 -19.73
CA LYS B 253 -1.80 1.01 -18.98
C LYS B 253 -2.35 1.82 -17.80
N ALA B 254 -1.66 2.92 -17.50
CA ALA B 254 -2.19 3.96 -16.62
C ALA B 254 -1.55 5.29 -17.02
N PHE B 255 -2.05 6.38 -16.45
CA PHE B 255 -1.55 7.70 -16.77
C PHE B 255 -1.55 8.61 -15.54
N VAL B 256 -0.47 9.38 -15.40
CA VAL B 256 -0.38 10.44 -14.42
C VAL B 256 -0.22 11.72 -15.18
N LEU B 257 -1.23 12.57 -15.05
CA LEU B 257 -1.32 13.81 -15.74
C LEU B 257 -1.31 14.88 -14.66
N ASN B 258 -0.13 15.41 -14.38
CA ASN B 258 0.11 16.30 -13.22
C ASN B 258 1.01 17.51 -13.49
N PRO B 259 0.53 18.45 -14.33
CA PRO B 259 1.23 19.71 -14.49
C PRO B 259 1.28 20.51 -13.19
N ALA B 260 2.36 21.24 -12.94
CA ALA B 260 2.40 22.16 -11.79
C ALA B 260 1.85 23.46 -12.29
N ILE B 261 0.86 23.97 -11.58
CA ILE B 261 0.21 25.22 -11.95
C ILE B 261 0.60 26.34 -11.04
N GLY B 262 1.47 26.07 -10.08
CA GLY B 262 1.82 27.06 -9.10
C GLY B 262 0.92 27.01 -7.88
N PRO B 263 1.39 27.51 -6.76
CA PRO B 263 0.55 27.38 -5.59
C PRO B 263 -0.62 28.32 -5.63
N GLU B 264 -1.52 28.15 -4.67
CA GLU B 264 -2.78 28.90 -4.67
C GLU B 264 -2.65 30.26 -4.01
N GLY B 265 -3.48 31.19 -4.45
CA GLY B 265 -3.49 32.55 -3.93
C GLY B 265 -3.87 32.64 -2.49
N LEU B 266 -4.75 31.75 -2.06
CA LEU B 266 -5.06 31.52 -0.66
C LEU B 266 -4.58 30.08 -0.45
N SER B 267 -3.56 29.95 0.39
CA SER B 267 -2.77 28.74 0.44
C SER B 267 -3.72 27.65 0.71
N GLY B 268 -3.69 26.59 -0.11
CA GLY B 268 -4.52 25.38 0.13
C GLY B 268 -5.93 25.38 -0.48
N SER B 269 -6.45 26.54 -0.88
CA SER B 269 -7.79 26.64 -1.48
C SER B 269 -7.78 26.10 -2.94
N SER B 270 -7.65 24.77 -3.06
CA SER B 270 -7.63 24.10 -4.36
C SER B 270 -8.97 24.13 -5.09
N ARG B 271 -9.96 24.79 -4.47
CA ARG B 271 -11.21 25.07 -5.18
C ARG B 271 -10.86 26.00 -6.34
N MET B 272 -9.84 26.82 -6.16
CA MET B 272 -9.50 27.85 -7.14
C MET B 272 -8.63 27.28 -8.24
N LYS B 273 -7.33 27.55 -8.24
CA LYS B 273 -6.54 27.19 -9.41
C LYS B 273 -6.71 25.76 -9.84
N GLY B 274 -6.71 24.84 -8.87
CA GLY B 274 -6.81 23.42 -9.20
C GLY B 274 -8.14 23.02 -9.81
N GLY B 275 -9.21 23.65 -9.34
CA GLY B 275 -10.53 23.46 -9.92
C GLY B 275 -10.62 23.95 -11.35
N SER B 276 -10.20 25.19 -11.58
CA SER B 276 -10.07 25.71 -12.93
C SER B 276 -9.14 24.88 -13.79
N ALA B 277 -7.95 24.61 -13.30
CA ALA B 277 -7.00 23.83 -14.08
C ALA B 277 -7.55 22.44 -14.39
N THR B 278 -8.34 21.87 -13.49
CA THR B 278 -8.97 20.55 -13.75
C THR B 278 -9.82 20.65 -15.02
N LYS B 279 -10.70 21.64 -15.04
CA LYS B 279 -11.63 21.87 -16.17
C LYS B 279 -10.82 22.05 -17.44
N ILE B 280 -9.87 22.97 -17.37
CA ILE B 280 -8.98 23.26 -18.49
C ILE B 280 -8.36 21.98 -19.01
N LEU B 281 -7.69 21.25 -18.13
CA LEU B 281 -6.92 20.09 -18.57
C LEU B 281 -7.81 19.05 -19.25
N LEU B 282 -8.97 18.77 -18.64
CA LEU B 282 -9.82 17.66 -19.10
C LEU B 282 -10.89 18.02 -20.17
N GLU B 283 -11.38 19.26 -20.16
CA GLU B 283 -12.25 19.74 -21.24
C GLU B 283 -11.46 19.75 -22.56
N THR B 284 -10.32 20.45 -22.58
CA THR B 284 -9.35 20.26 -23.64
C THR B 284 -9.23 18.75 -24.08
N LEU B 285 -8.81 17.92 -23.16
CA LEU B 285 -8.45 16.54 -23.50
C LEU B 285 -9.56 15.78 -24.18
N LEU B 286 -10.77 15.95 -23.67
CA LEU B 286 -11.91 15.15 -24.10
C LEU B 286 -12.58 15.81 -25.27
N LEU B 287 -12.73 17.14 -25.23
CA LEU B 287 -13.22 17.84 -26.41
C LEU B 287 -12.41 17.41 -27.64
N ALA B 288 -11.09 17.47 -27.52
CA ALA B 288 -10.24 17.09 -28.63
C ALA B 288 -10.45 15.64 -28.97
N ALA B 289 -10.52 14.78 -27.96
CA ALA B 289 -10.74 13.36 -28.24
C ALA B 289 -11.92 13.14 -29.19
N HIS B 290 -12.99 13.92 -29.02
CA HIS B 290 -14.25 13.69 -29.72
C HIS B 290 -14.17 14.26 -31.12
N LYS B 291 -13.92 15.58 -31.19
CA LYS B 291 -13.61 16.33 -32.40
C LYS B 291 -12.69 15.58 -33.39
N THR B 292 -11.66 14.88 -32.92
CA THR B 292 -10.66 14.33 -33.80
C THR B 292 -10.67 12.81 -33.87
N VAL B 293 -11.83 12.15 -33.80
CA VAL B 293 -11.82 10.70 -34.04
C VAL B 293 -11.52 10.44 -35.51
N ASP B 294 -10.75 9.38 -35.75
CA ASP B 294 -10.40 8.97 -37.12
C ASP B 294 -9.82 10.15 -37.93
N GLN B 295 -8.84 10.82 -37.30
CA GLN B 295 -7.98 11.84 -37.93
C GLN B 295 -6.50 11.69 -37.55
N GLY B 296 -6.17 10.75 -36.67
CA GLY B 296 -4.79 10.43 -36.35
C GLY B 296 -4.23 11.39 -35.34
N ILE B 297 -3.11 11.00 -34.74
CA ILE B 297 -2.55 11.72 -33.59
C ILE B 297 -2.24 13.20 -33.89
N ALA B 298 -1.80 13.51 -35.11
CA ALA B 298 -1.38 14.88 -35.45
C ALA B 298 -2.54 15.87 -35.35
N ALA B 299 -3.71 15.52 -35.88
CA ALA B 299 -4.91 16.36 -35.71
C ALA B 299 -5.17 16.55 -34.22
N SER B 300 -5.08 15.45 -33.45
CA SER B 300 -5.28 15.50 -32.00
C SER B 300 -4.36 16.54 -31.29
N GLN B 301 -3.06 16.59 -31.64
CA GLN B 301 -2.15 17.52 -30.95
C GLN B 301 -2.48 18.97 -31.25
N ARG B 302 -2.70 19.24 -32.54
CA ARG B 302 -3.10 20.54 -33.05
C ARG B 302 -4.37 20.97 -32.32
N CYS B 303 -5.28 20.02 -32.15
CA CYS B 303 -6.53 20.34 -31.46
C CYS B 303 -6.36 20.65 -29.95
N LEU B 304 -5.52 19.86 -29.25
CA LEU B 304 -5.27 20.11 -27.84
C LEU B 304 -4.77 21.53 -27.64
N LEU B 305 -3.87 21.94 -28.51
CA LEU B 305 -3.23 23.25 -28.47
C LEU B 305 -4.18 24.40 -28.90
N GLU B 306 -5.10 24.16 -29.84
CA GLU B 306 -6.06 25.25 -30.15
C GLU B 306 -6.85 25.57 -28.88
N ILE B 307 -7.41 24.53 -28.27
CA ILE B 307 -8.29 24.71 -27.11
C ILE B 307 -7.57 25.28 -25.89
N LEU B 308 -6.36 24.86 -25.59
CA LEU B 308 -5.64 25.44 -24.46
C LEU B 308 -5.51 26.93 -24.67
N ARG B 309 -5.03 27.32 -25.85
CA ARG B 309 -4.79 28.72 -26.15
C ARG B 309 -6.09 29.53 -26.12
N THR B 310 -7.22 28.90 -26.50
CA THR B 310 -8.53 29.50 -26.24
C THR B 310 -8.75 29.75 -24.72
N PHE B 311 -8.67 28.72 -23.90
CA PHE B 311 -8.77 28.95 -22.46
C PHE B 311 -7.78 30.02 -22.01
N GLU B 312 -6.53 29.97 -22.49
CA GLU B 312 -5.56 30.96 -21.99
C GLU B 312 -5.98 32.39 -22.38
N ARG B 313 -6.71 32.48 -23.50
CA ARG B 313 -7.23 33.76 -24.03
C ARG B 313 -8.28 34.25 -23.02
N ALA B 314 -9.15 33.29 -22.65
CA ALA B 314 -10.25 33.44 -21.66
C ALA B 314 -9.79 33.99 -20.35
N HIS B 315 -8.56 33.68 -19.95
CA HIS B 315 -8.05 34.31 -18.75
C HIS B 315 -7.98 35.83 -18.90
N GLN B 316 -7.38 36.37 -19.99
CA GLN B 316 -7.26 37.85 -20.11
C GLN B 316 -8.58 38.45 -20.53
N VAL B 317 -9.36 37.73 -21.30
CA VAL B 317 -10.71 38.19 -21.53
C VAL B 317 -11.37 38.48 -20.19
N THR B 318 -11.31 37.52 -19.28
CA THR B 318 -12.01 37.66 -18.01
C THR B 318 -11.38 38.77 -17.19
N TYR B 319 -10.06 38.77 -17.09
CA TYR B 319 -9.40 39.63 -16.13
C TYR B 319 -9.23 41.06 -16.62
N SER B 320 -9.57 41.32 -17.88
CA SER B 320 -9.62 42.71 -18.41
C SER B 320 -10.69 43.53 -17.73
N GLN B 321 -11.71 42.85 -17.18
CA GLN B 321 -12.72 43.48 -16.33
C GLN B 321 -12.28 43.68 -14.88
N SER B 322 -11.00 43.87 -14.61
CA SER B 322 -10.57 43.80 -13.21
C SER B 322 -11.15 44.92 -12.33
N PRO B 323 -11.18 46.16 -12.80
CA PRO B 323 -11.70 47.19 -11.89
C PRO B 323 -13.23 47.03 -11.60
N LYS B 324 -13.95 46.43 -12.54
CA LYS B 324 -15.37 46.18 -12.32
C LYS B 324 -15.58 44.97 -11.39
N ILE B 325 -14.70 43.99 -11.49
CA ILE B 325 -14.65 42.86 -10.56
C ILE B 325 -14.32 43.36 -9.15
N ALA B 326 -13.38 44.28 -9.03
CA ALA B 326 -12.98 44.76 -7.73
C ALA B 326 -14.08 45.60 -7.11
N THR B 327 -14.81 46.30 -7.96
CA THR B 327 -15.98 47.05 -7.51
C THR B 327 -16.98 46.03 -6.90
N LEU B 328 -17.25 44.95 -7.62
CA LEU B 328 -18.20 43.97 -7.11
C LEU B 328 -17.72 43.47 -5.75
N MET B 329 -16.43 43.15 -5.66
CA MET B 329 -15.89 42.57 -4.46
C MET B 329 -16.31 43.44 -3.29
N LYS B 330 -16.08 44.74 -3.38
CA LYS B 330 -16.42 45.65 -2.25
C LYS B 330 -17.91 45.59 -1.93
N SER B 331 -18.76 45.61 -2.95
CA SER B 331 -20.18 45.59 -2.70
C SER B 331 -20.44 44.37 -1.81
N VAL B 332 -19.99 43.19 -2.27
CA VAL B 332 -20.21 41.92 -1.56
C VAL B 332 -19.63 41.89 -0.12
N SER B 333 -18.44 42.45 0.02
CA SER B 333 -17.75 42.53 1.31
C SER B 333 -18.48 43.44 2.27
N THR B 334 -18.93 44.61 1.78
CA THR B 334 -19.70 45.57 2.62
C THR B 334 -20.92 44.88 3.20
N SER B 335 -21.72 44.31 2.33
CA SER B 335 -22.90 43.59 2.69
C SER B 335 -22.70 42.57 3.86
N LEU B 336 -21.72 41.67 3.74
CA LEU B 336 -21.38 40.74 4.83
C LEU B 336 -20.80 41.43 6.06
N GLU B 337 -20.07 42.51 5.82
CA GLU B 337 -19.57 43.34 6.90
C GLU B 337 -20.70 43.89 7.75
N LYS B 338 -21.78 44.34 7.12
CA LYS B 338 -22.95 44.83 7.85
C LYS B 338 -23.92 43.71 8.21
N LYS B 339 -23.45 42.46 8.12
CA LYS B 339 -24.17 41.26 8.56
C LYS B 339 -25.44 40.91 7.79
N GLY B 340 -25.48 41.35 6.53
CA GLY B 340 -26.53 40.98 5.57
C GLY B 340 -25.95 39.93 4.63
N HIS B 341 -26.61 39.72 3.50
CA HIS B 341 -26.32 38.55 2.67
C HIS B 341 -26.14 38.83 1.18
N VAL B 342 -25.64 37.82 0.47
CA VAL B 342 -25.25 37.97 -0.89
C VAL B 342 -25.87 36.87 -1.65
N TYR B 343 -26.56 37.26 -2.72
CA TYR B 343 -27.32 36.35 -3.55
C TYR B 343 -26.60 36.33 -4.90
N LEU B 344 -26.35 35.14 -5.42
CA LEU B 344 -25.81 34.95 -6.74
C LEU B 344 -26.88 34.25 -7.54
N VAL B 345 -27.64 35.05 -8.30
CA VAL B 345 -28.77 34.51 -9.06
C VAL B 345 -28.28 34.24 -10.45
N GLY B 346 -28.39 33.00 -10.87
CA GLY B 346 -27.75 32.62 -12.08
C GLY B 346 -28.59 31.71 -12.93
N TRP B 347 -28.30 31.75 -14.23
CA TRP B 347 -29.07 30.98 -15.20
C TRP B 347 -28.27 29.79 -15.74
N GLN B 348 -29.01 28.76 -16.08
CA GLN B 348 -28.38 27.57 -16.61
C GLN B 348 -27.21 27.16 -15.69
N THR B 349 -26.11 26.81 -16.33
CA THR B 349 -25.06 26.10 -15.70
C THR B 349 -24.15 27.11 -15.00
N LEU B 350 -24.33 28.39 -15.27
CA LEU B 350 -23.67 29.41 -14.47
C LEU B 350 -24.33 29.55 -13.06
N GLY B 351 -25.61 29.18 -12.96
CA GLY B 351 -26.26 29.10 -11.67
C GLY B 351 -25.65 28.00 -10.82
N ILE B 352 -25.46 26.83 -11.41
CA ILE B 352 -24.82 25.73 -10.69
C ILE B 352 -23.46 26.16 -10.11
N ILE B 353 -22.63 26.78 -10.96
CA ILE B 353 -21.31 27.30 -10.57
C ILE B 353 -21.47 28.33 -9.46
N ALA B 354 -22.58 29.08 -9.46
CA ALA B 354 -22.88 30.07 -8.39
C ALA B 354 -23.17 29.38 -7.06
N ILE B 355 -24.05 28.38 -7.12
CA ILE B 355 -24.38 27.56 -5.98
C ILE B 355 -23.08 27.05 -5.40
N MET B 356 -22.22 26.47 -6.26
CA MET B 356 -20.96 25.87 -5.83
C MET B 356 -20.01 26.86 -5.19
N ASP B 357 -19.91 28.06 -5.70
CA ASP B 357 -19.02 29.01 -5.05
C ASP B 357 -19.49 29.29 -3.60
N GLY B 358 -20.80 29.52 -3.47
CA GLY B 358 -21.39 29.93 -2.21
C GLY B 358 -21.25 28.82 -1.19
N VAL B 359 -21.58 27.61 -1.59
CA VAL B 359 -21.44 26.46 -0.74
C VAL B 359 -20.00 26.34 -0.28
N GLU B 360 -19.06 26.52 -1.20
CA GLU B 360 -17.65 26.36 -0.85
C GLU B 360 -17.20 27.36 0.22
N CYS B 361 -17.85 28.51 0.28
CA CYS B 361 -17.53 29.54 1.29
C CYS B 361 -17.83 29.08 2.68
N ILE B 362 -18.69 28.07 2.80
CA ILE B 362 -19.07 27.56 4.11
C ILE B 362 -17.84 26.99 4.77
N HIS B 363 -17.23 26.01 4.13
CA HIS B 363 -16.05 25.40 4.73
C HIS B 363 -14.77 26.19 4.53
N THR B 364 -14.67 27.01 3.48
CA THR B 364 -13.44 27.76 3.24
C THR B 364 -13.27 28.95 4.21
N PHE B 365 -14.37 29.60 4.62
CA PHE B 365 -14.27 30.81 5.41
C PHE B 365 -15.03 30.77 6.71
N GLY B 366 -15.68 29.64 6.98
CA GLY B 366 -16.50 29.50 8.16
C GLY B 366 -17.78 30.29 8.01
N ALA B 367 -18.14 30.56 6.76
CA ALA B 367 -19.24 31.46 6.52
C ALA B 367 -20.49 30.65 6.69
N ASP B 368 -21.55 31.34 7.11
CA ASP B 368 -22.85 30.71 7.19
C ASP B 368 -23.36 30.57 5.75
N PHE B 369 -24.03 29.47 5.52
CA PHE B 369 -24.62 29.11 4.26
C PHE B 369 -25.39 30.20 3.50
N ARG B 370 -25.93 31.16 4.22
CA ARG B 370 -26.66 32.25 3.59
C ARG B 370 -25.78 33.47 3.29
N ASP B 371 -24.55 33.47 3.78
CA ASP B 371 -23.66 34.60 3.60
C ASP B 371 -23.37 34.84 2.09
N VAL B 372 -23.08 33.76 1.36
CA VAL B 372 -22.94 33.80 -0.10
C VAL B 372 -23.68 32.62 -0.69
N ARG B 373 -24.90 32.88 -1.11
CA ARG B 373 -25.75 31.82 -1.56
C ARG B 373 -26.05 31.96 -3.05
N GLY B 374 -26.13 30.84 -3.72
CA GLY B 374 -26.29 30.83 -5.15
C GLY B 374 -27.61 30.19 -5.47
N PHE B 375 -28.29 30.74 -6.46
CA PHE B 375 -29.59 30.24 -6.87
C PHE B 375 -29.53 29.92 -8.34
N LEU B 376 -30.22 28.85 -8.72
CA LEU B 376 -30.42 28.48 -10.11
C LEU B 376 -31.86 28.76 -10.46
N ILE B 377 -32.05 29.77 -11.32
CA ILE B 377 -33.36 30.15 -11.85
C ILE B 377 -33.74 29.26 -13.05
N GLY B 378 -34.98 28.81 -13.11
CA GLY B 378 -35.42 27.87 -14.15
C GLY B 378 -34.63 26.58 -14.11
N GLN B 393 -30.32 18.58 -2.06
CA GLN B 393 -30.73 18.17 -0.71
C GLN B 393 -30.30 19.24 0.31
N GLY B 394 -31.09 19.38 1.38
CA GLY B 394 -30.88 20.41 2.39
C GLY B 394 -31.70 21.64 2.03
N PRO B 395 -31.05 22.82 1.98
CA PRO B 395 -31.75 24.04 1.51
C PRO B 395 -32.13 23.98 0.04
N GLN B 396 -33.08 24.82 -0.37
CA GLN B 396 -33.48 24.86 -1.79
C GLN B 396 -32.40 25.60 -2.66
N PHE B 397 -32.02 24.95 -3.77
CA PHE B 397 -31.01 25.49 -4.66
C PHE B 397 -31.57 25.88 -6.05
N THR B 398 -32.60 25.17 -6.53
CA THR B 398 -33.24 25.45 -7.85
C THR B 398 -34.62 26.10 -7.75
N PHE B 399 -34.75 27.38 -8.08
CA PHE B 399 -36.06 28.09 -8.04
C PHE B 399 -36.63 28.50 -9.42
N SER B 400 -37.91 28.24 -9.65
CA SER B 400 -38.64 28.87 -10.76
C SER B 400 -38.81 30.35 -10.47
N GLN B 401 -39.18 31.11 -11.50
CA GLN B 401 -39.37 32.57 -11.38
C GLN B 401 -40.23 32.97 -10.20
N GLU B 402 -41.48 32.53 -10.18
CA GLU B 402 -42.43 33.04 -9.18
C GLU B 402 -42.05 32.43 -7.82
N ASP B 403 -41.59 31.16 -7.83
CA ASP B 403 -41.04 30.50 -6.63
C ASP B 403 -39.98 31.38 -5.98
N PHE B 404 -39.09 31.94 -6.79
CA PHE B 404 -38.06 32.82 -6.28
C PHE B 404 -38.68 34.10 -5.76
N LEU B 405 -39.54 34.74 -6.57
CA LEU B 405 -40.15 36.04 -6.22
C LEU B 405 -41.06 35.97 -4.97
N THR B 406 -41.83 34.91 -4.87
CA THR B 406 -42.64 34.58 -3.69
C THR B 406 -41.77 34.28 -2.47
N SER B 407 -40.92 33.25 -2.60
CA SER B 407 -40.23 32.64 -1.47
C SER B 407 -38.99 33.40 -0.93
N ILE B 408 -38.29 34.13 -1.81
CA ILE B 408 -36.95 34.65 -1.52
C ILE B 408 -36.89 36.17 -1.50
N LEU B 409 -37.62 36.80 -2.41
CA LEU B 409 -37.58 38.26 -2.49
C LEU B 409 -37.85 38.92 -1.15
N PRO B 410 -38.92 38.52 -0.42
CA PRO B 410 -39.26 39.10 0.90
C PRO B 410 -38.07 39.30 1.87
N SER B 411 -37.17 38.30 1.95
CA SER B 411 -36.01 38.37 2.86
C SER B 411 -34.96 39.42 2.53
N LEU B 412 -35.01 39.98 1.32
CA LEU B 412 -34.05 41.00 0.91
C LEU B 412 -34.16 42.32 1.69
N THR B 413 -33.08 43.09 1.71
CA THR B 413 -32.88 44.18 2.63
C THR B 413 -31.98 45.14 1.91
N GLU B 414 -31.95 46.41 2.30
CA GLU B 414 -31.22 47.43 1.52
C GLU B 414 -29.69 47.35 1.67
N ILE B 415 -29.20 46.48 2.55
CA ILE B 415 -27.76 46.18 2.64
C ILE B 415 -27.35 44.90 1.88
N ASP B 416 -28.33 44.04 1.54
CA ASP B 416 -28.06 42.81 0.82
C ASP B 416 -27.49 43.14 -0.57
N THR B 417 -26.54 42.34 -1.07
CA THR B 417 -26.09 42.38 -2.48
C THR B 417 -26.62 41.23 -3.33
N VAL B 418 -27.04 41.53 -4.56
CA VAL B 418 -27.49 40.48 -5.51
C VAL B 418 -26.68 40.54 -6.81
N VAL B 419 -26.33 39.37 -7.33
CA VAL B 419 -25.54 39.26 -8.52
C VAL B 419 -26.31 38.40 -9.51
N PHE B 420 -26.47 38.93 -10.73
CA PHE B 420 -27.12 38.19 -11.80
C PHE B 420 -26.07 37.67 -12.78
N ILE B 421 -26.14 36.38 -13.08
CA ILE B 421 -25.15 35.75 -13.91
C ILE B 421 -25.86 35.03 -15.02
N PHE B 422 -25.58 35.43 -16.26
CA PHE B 422 -26.34 34.99 -17.43
C PHE B 422 -25.63 35.36 -18.73
N THR B 423 -26.13 34.75 -19.80
CA THR B 423 -25.71 35.02 -21.15
C THR B 423 -26.90 35.68 -21.86
N LEU B 424 -26.65 36.28 -23.03
CA LEU B 424 -27.73 36.84 -23.86
C LEU B 424 -28.45 35.75 -24.66
N ASP B 425 -27.98 34.51 -24.60
CA ASP B 425 -28.69 33.36 -25.20
C ASP B 425 -29.76 32.78 -24.24
N ASP B 426 -29.95 33.40 -23.09
CA ASP B 426 -30.87 32.88 -22.08
C ASP B 426 -32.26 33.49 -22.33
N ASN B 427 -33.18 33.15 -21.43
CA ASN B 427 -34.49 33.77 -21.32
C ASN B 427 -34.38 35.15 -20.66
N LEU B 428 -34.15 36.19 -21.46
CA LEU B 428 -33.92 37.55 -20.94
C LEU B 428 -35.13 38.32 -20.45
N THR B 429 -36.35 37.81 -20.65
CA THR B 429 -37.50 38.49 -20.03
C THR B 429 -37.41 38.15 -18.54
N GLU B 430 -37.63 36.88 -18.22
CA GLU B 430 -37.25 36.23 -16.94
C GLU B 430 -36.16 36.95 -16.14
N VAL B 431 -35.03 37.24 -16.78
CA VAL B 431 -33.98 38.02 -16.11
C VAL B 431 -34.51 39.38 -15.71
N GLN B 432 -34.92 40.18 -16.68
CA GLN B 432 -35.39 41.52 -16.37
C GLN B 432 -36.60 41.53 -15.44
N THR B 433 -37.47 40.51 -15.49
CA THR B 433 -38.54 40.38 -14.47
C THR B 433 -37.90 40.40 -13.06
N ILE B 434 -37.12 39.36 -12.77
CA ILE B 434 -36.59 39.10 -11.42
C ILE B 434 -35.79 40.28 -10.89
N VAL B 435 -34.90 40.83 -11.73
CA VAL B 435 -34.12 41.99 -11.31
C VAL B 435 -35.00 43.21 -11.12
N GLU B 436 -36.17 43.24 -11.78
CA GLU B 436 -37.06 44.39 -11.69
C GLU B 436 -37.58 44.49 -10.26
N GLN B 437 -38.27 43.44 -9.83
CA GLN B 437 -38.82 43.41 -8.46
C GLN B 437 -37.74 43.39 -7.36
N VAL B 438 -36.63 42.68 -7.59
CA VAL B 438 -35.45 42.69 -6.69
C VAL B 438 -34.90 44.08 -6.45
N LYS B 439 -34.71 44.82 -7.54
CA LYS B 439 -34.19 46.20 -7.50
C LYS B 439 -34.98 47.09 -6.51
N GLU B 440 -36.24 46.75 -6.25
CA GLU B 440 -37.05 47.57 -5.34
C GLU B 440 -36.64 47.47 -3.88
N LYS B 441 -36.06 46.32 -3.51
CA LYS B 441 -35.59 46.06 -2.13
C LYS B 441 -34.12 46.50 -1.91
N THR B 442 -33.28 46.49 -2.96
CA THR B 442 -31.90 46.94 -2.82
C THR B 442 -31.26 47.60 -4.07
N ASN B 443 -30.39 48.59 -3.83
CA ASN B 443 -29.62 49.23 -4.91
C ASN B 443 -28.29 48.59 -5.15
N HIS B 444 -27.99 47.53 -4.41
CA HIS B 444 -26.75 46.77 -4.57
C HIS B 444 -26.96 45.56 -5.48
N ILE B 445 -27.18 45.86 -6.75
CA ILE B 445 -27.16 44.86 -7.80
C ILE B 445 -26.01 45.24 -8.70
N GLN B 446 -25.49 44.24 -9.37
CA GLN B 446 -24.31 44.33 -10.26
C GLN B 446 -24.59 43.06 -11.13
N ALA B 447 -23.96 42.91 -12.29
CA ALA B 447 -24.28 41.72 -13.13
C ALA B 447 -23.16 41.22 -14.00
N LEU B 448 -23.30 39.98 -14.42
CA LEU B 448 -22.24 39.26 -15.14
C LEU B 448 -22.89 38.59 -16.31
N ALA B 449 -22.70 39.21 -17.47
CA ALA B 449 -23.43 38.82 -18.66
C ALA B 449 -22.44 38.53 -19.75
N HIS B 450 -22.54 37.32 -20.28
CA HIS B 450 -21.73 36.89 -21.39
C HIS B 450 -22.48 37.12 -22.72
N SER B 451 -21.72 37.50 -23.74
CA SER B 451 -22.24 37.90 -25.05
C SER B 451 -21.25 37.50 -26.13
N THR B 452 -21.70 36.88 -27.21
CA THR B 452 -20.90 36.90 -28.47
C THR B 452 -20.94 38.33 -29.05
N VAL B 453 -19.78 38.89 -29.45
CA VAL B 453 -19.75 40.28 -30.01
C VAL B 453 -20.71 40.43 -31.21
N GLY B 454 -21.52 41.49 -31.18
CA GLY B 454 -22.68 41.63 -32.07
C GLY B 454 -23.96 41.03 -31.51
N GLN B 455 -24.09 41.07 -30.18
CA GLN B 455 -25.34 40.82 -29.49
C GLN B 455 -25.40 42.02 -28.57
N THR B 456 -26.57 42.64 -28.46
CA THR B 456 -26.67 43.92 -27.76
C THR B 456 -27.59 43.73 -26.57
N LEU B 457 -27.31 44.47 -25.51
CA LEU B 457 -28.05 44.29 -24.26
C LEU B 457 -29.38 45.06 -24.31
N PRO B 458 -30.54 44.35 -24.26
CA PRO B 458 -31.82 45.07 -24.15
C PRO B 458 -31.85 46.27 -23.18
N ILE B 459 -32.52 47.36 -23.57
CA ILE B 459 -32.57 48.64 -22.77
C ILE B 459 -33.18 48.58 -21.36
N PRO B 460 -34.27 47.82 -21.15
CA PRO B 460 -34.72 47.75 -19.76
C PRO B 460 -33.59 47.30 -18.80
N LEU B 461 -32.84 46.28 -19.21
CA LEU B 461 -31.67 45.79 -18.45
C LEU B 461 -30.53 46.80 -18.43
N LYS B 462 -30.06 47.18 -19.61
CA LYS B 462 -29.11 48.26 -19.79
C LYS B 462 -29.32 49.33 -18.73
N LYS B 463 -30.59 49.73 -18.55
CA LYS B 463 -30.99 50.78 -17.60
C LYS B 463 -30.76 50.34 -16.15
N LEU B 464 -31.18 49.13 -15.83
CA LEU B 464 -30.98 48.55 -14.49
C LEU B 464 -29.50 48.41 -14.07
N PHE B 465 -28.65 47.98 -14.99
CA PHE B 465 -27.22 47.82 -14.69
C PHE B 465 -26.40 48.94 -15.38
N PRO B 466 -26.18 50.08 -14.67
CA PRO B 466 -25.45 51.21 -15.28
C PRO B 466 -23.99 50.94 -15.68
N SER B 467 -23.33 50.00 -15.01
CA SER B 467 -21.96 49.55 -15.37
C SER B 467 -21.86 48.04 -15.14
N ILE B 468 -22.69 47.33 -15.88
CA ILE B 468 -22.72 45.85 -15.92
C ILE B 468 -21.39 45.22 -16.27
N ILE B 469 -20.98 44.19 -15.53
CA ILE B 469 -19.72 43.48 -15.80
C ILE B 469 -19.90 42.64 -17.04
N SER B 470 -19.58 43.26 -18.17
CA SER B 470 -19.87 42.69 -19.45
C SER B 470 -18.66 41.90 -19.87
N ILE B 471 -18.84 40.59 -20.09
CA ILE B 471 -17.80 39.73 -20.63
C ILE B 471 -18.22 39.39 -22.04
N THR B 472 -17.58 40.05 -23.00
CA THR B 472 -17.97 39.91 -24.41
C THR B 472 -16.98 39.04 -25.23
N TRP B 473 -17.49 38.00 -25.90
CA TRP B 473 -16.66 36.93 -26.49
C TRP B 473 -16.59 36.96 -28.00
N PRO B 474 -15.39 37.09 -28.58
CA PRO B 474 -15.21 36.97 -30.02
C PRO B 474 -15.83 35.73 -30.66
N LEU B 475 -16.10 35.77 -31.96
CA LEU B 475 -16.63 34.64 -32.72
C LEU B 475 -15.56 33.58 -32.93
N LEU B 476 -15.99 32.33 -33.01
CA LEU B 476 -15.09 31.18 -33.02
C LEU B 476 -15.77 30.02 -33.69
N PHE B 477 -15.07 29.33 -34.58
CA PHE B 477 -15.65 28.13 -35.16
C PHE B 477 -15.98 27.16 -34.02
N PHE B 478 -17.23 26.68 -34.00
CA PHE B 478 -17.56 25.51 -33.20
C PHE B 478 -18.09 24.39 -34.10
N GLU B 479 -17.63 23.18 -33.82
CA GLU B 479 -17.96 22.01 -34.63
C GLU B 479 -19.35 21.46 -34.31
N TYR B 480 -19.62 21.19 -33.03
CA TYR B 480 -20.88 20.58 -32.61
C TYR B 480 -21.94 21.64 -32.31
N GLU B 481 -23.23 21.26 -32.30
CA GLU B 481 -24.34 22.25 -32.25
C GLU B 481 -24.44 22.96 -30.88
N GLY B 482 -24.10 22.26 -29.80
CA GLY B 482 -24.15 22.85 -28.45
C GLY B 482 -23.12 23.93 -28.16
N ASN B 483 -22.14 24.08 -29.06
CA ASN B 483 -21.10 25.12 -28.94
C ASN B 483 -20.45 24.98 -27.54
N PHE B 484 -19.95 23.76 -27.29
CA PHE B 484 -19.38 23.37 -26.02
C PHE B 484 -18.17 24.22 -25.61
N ILE B 485 -17.28 24.41 -26.56
CA ILE B 485 -16.15 25.32 -26.39
C ILE B 485 -16.58 26.74 -25.98
N GLN B 486 -17.83 27.11 -26.19
CA GLN B 486 -18.34 28.39 -25.69
C GLN B 486 -18.87 28.22 -24.25
N LYS B 487 -19.40 27.03 -23.99
CA LYS B 487 -19.89 26.71 -22.68
C LYS B 487 -18.69 26.77 -21.77
N PHE B 488 -17.65 26.03 -22.15
CA PHE B 488 -16.46 25.90 -21.35
C PHE B 488 -15.84 27.25 -20.99
N GLN B 489 -15.75 28.15 -21.97
CA GLN B 489 -15.21 29.47 -21.71
C GLN B 489 -15.99 30.21 -20.66
N ARG B 490 -17.29 30.21 -20.86
CA ARG B 490 -18.23 30.88 -19.97
C ARG B 490 -18.29 30.30 -18.55
N GLU B 491 -18.23 28.97 -18.43
CA GLU B 491 -18.18 28.35 -17.11
C GLU B 491 -16.91 28.82 -16.41
N LEU B 492 -15.79 28.59 -17.06
CA LEU B 492 -14.50 28.94 -16.47
C LEU B 492 -14.36 30.41 -16.16
N SER B 493 -14.88 31.26 -17.05
CA SER B 493 -14.82 32.69 -16.81
C SER B 493 -15.61 33.08 -15.57
N THR B 494 -16.75 32.40 -15.41
CA THR B 494 -17.65 32.71 -14.31
C THR B 494 -17.00 32.23 -13.01
N LYS B 495 -16.47 31.02 -13.06
CA LYS B 495 -15.71 30.52 -11.92
C LYS B 495 -14.61 31.47 -11.49
N TRP B 496 -13.83 32.00 -12.42
CA TRP B 496 -12.76 32.95 -12.04
C TRP B 496 -13.37 34.16 -11.36
N VAL B 497 -14.46 34.66 -11.88
CA VAL B 497 -15.01 35.92 -11.35
C VAL B 497 -15.52 35.74 -9.92
N LEU B 498 -16.36 34.73 -9.74
CA LEU B 498 -16.92 34.40 -8.43
C LEU B 498 -15.88 34.00 -7.39
N ASN B 499 -15.02 33.03 -7.73
CA ASN B 499 -13.92 32.64 -6.83
C ASN B 499 -13.18 33.92 -6.32
N THR B 500 -12.87 34.85 -7.22
CA THR B 500 -12.09 36.01 -6.82
C THR B 500 -12.90 36.90 -5.89
N VAL B 501 -14.18 37.06 -6.23
CA VAL B 501 -15.12 37.86 -5.43
C VAL B 501 -15.33 37.29 -4.02
N SER B 502 -15.65 36.01 -3.93
CA SER B 502 -15.90 35.42 -2.61
C SER B 502 -14.61 35.47 -1.77
N THR B 503 -13.56 34.87 -2.29
CA THR B 503 -12.27 34.90 -1.64
C THR B 503 -11.81 36.32 -1.25
N GLY B 504 -11.92 37.26 -2.17
CA GLY B 504 -11.50 38.61 -1.87
C GLY B 504 -12.38 39.31 -0.86
N ALA B 505 -13.71 39.20 -1.01
CA ALA B 505 -14.60 39.81 -0.06
C ALA B 505 -14.26 39.39 1.38
N HIS B 506 -13.95 38.11 1.58
CA HIS B 506 -13.61 37.61 2.92
C HIS B 506 -12.22 38.03 3.39
N VAL B 507 -11.27 38.10 2.47
CA VAL B 507 -9.99 38.71 2.77
C VAL B 507 -10.15 40.14 3.27
N LEU B 508 -11.00 40.90 2.61
CA LEU B 508 -11.17 42.30 2.98
C LEU B 508 -11.73 42.47 4.37
N LEU B 509 -12.46 41.46 4.86
CA LEU B 509 -12.97 41.48 6.23
C LEU B 509 -11.93 41.14 7.31
N GLY B 510 -10.67 40.95 6.91
CA GLY B 510 -9.62 40.48 7.83
C GLY B 510 -9.74 39.03 8.33
N LYS B 511 -10.38 38.15 7.56
CA LYS B 511 -10.51 36.69 7.89
C LYS B 511 -9.28 35.83 7.55
N ILE B 512 -8.39 36.36 6.72
CA ILE B 512 -7.25 35.61 6.21
C ILE B 512 -5.97 36.21 6.82
N LEU B 513 -5.10 35.31 7.28
CA LEU B 513 -3.85 35.66 7.95
C LEU B 513 -2.65 35.45 7.01
N GLN B 514 -2.07 36.58 6.60
CA GLN B 514 -1.15 36.67 5.44
C GLN B 514 -1.78 36.09 4.14
N ASN B 515 -1.64 34.79 3.89
CA ASN B 515 -2.41 34.14 2.84
C ASN B 515 -2.80 32.73 3.24
N HIS B 516 -3.16 32.59 4.51
CA HIS B 516 -3.62 31.33 5.07
C HIS B 516 -4.98 31.56 5.74
N MET B 517 -5.80 30.53 5.74
CA MET B 517 -6.96 30.54 6.57
C MET B 517 -6.54 29.73 7.79
N LEU B 518 -6.27 30.44 8.86
CA LEU B 518 -5.85 29.84 10.08
C LEU B 518 -7.01 29.12 10.71
N ASP B 519 -8.13 29.84 10.78
CA ASP B 519 -9.29 29.41 11.54
C ASP B 519 -10.22 28.55 10.71
N LEU B 520 -9.76 27.35 10.39
CA LEU B 520 -10.55 26.43 9.58
C LEU B 520 -11.08 25.23 10.39
N ARG B 521 -12.23 24.71 10.01
CA ARG B 521 -12.84 23.59 10.65
C ARG B 521 -12.16 22.33 10.16
N ILE B 522 -11.56 21.61 11.11
CA ILE B 522 -10.82 20.42 10.80
C ILE B 522 -11.86 19.34 10.60
N SER B 523 -12.18 19.10 9.33
CA SER B 523 -13.22 18.14 8.97
C SER B 523 -12.68 16.98 8.14
N ASN B 524 -11.38 16.94 7.87
CA ASN B 524 -10.75 15.71 7.33
C ASN B 524 -9.25 15.69 7.61
N SER B 525 -8.58 14.63 7.19
CA SER B 525 -7.19 14.46 7.57
C SER B 525 -6.31 15.52 6.95
N LYS B 526 -6.66 15.99 5.76
CA LYS B 526 -5.81 16.95 5.09
C LYS B 526 -5.89 18.25 5.84
N LEU B 527 -7.10 18.62 6.24
CA LEU B 527 -7.31 19.84 7.05
C LEU B 527 -6.62 19.72 8.39
N PHE B 528 -6.59 18.50 8.92
CA PHE B 528 -5.78 18.23 10.09
C PHE B 528 -4.29 18.47 9.83
N TRP B 529 -3.72 17.84 8.81
CA TRP B 529 -2.29 18.06 8.61
C TRP B 529 -1.94 19.53 8.36
N ARG B 530 -2.91 20.28 7.81
CA ARG B 530 -2.70 21.69 7.50
C ARG B 530 -2.87 22.50 8.79
N ALA B 531 -3.87 22.21 9.61
CA ALA B 531 -3.89 22.83 10.92
C ALA B 531 -2.50 22.68 11.58
N LEU B 532 -2.02 21.45 11.73
CA LEU B 532 -0.68 21.29 12.31
C LEU B 532 0.41 22.07 11.54
N ALA B 533 0.38 22.04 10.24
CA ALA B 533 1.43 22.72 9.53
C ALA B 533 1.48 24.24 9.85
N MET B 534 0.32 24.80 10.17
CA MET B 534 0.18 26.23 10.45
C MET B 534 0.52 26.59 11.89
N LEU B 535 0.42 25.63 12.79
CA LEU B 535 0.87 25.88 14.14
C LEU B 535 2.38 25.99 14.08
N GLN B 536 3.00 25.11 13.31
CA GLN B 536 4.43 25.16 13.11
C GLN B 536 4.87 26.47 12.47
N ARG B 537 4.16 26.98 11.46
CA ARG B 537 4.63 28.19 10.80
C ARG B 537 4.49 29.42 11.72
N PHE B 538 3.31 29.57 12.33
CA PHE B 538 3.01 30.77 13.10
C PHE B 538 3.52 30.77 14.53
N SER B 539 3.71 29.59 15.13
CA SER B 539 4.30 29.48 16.47
C SER B 539 5.79 29.37 16.36
N GLY B 540 6.24 28.60 15.38
CA GLY B 540 7.67 28.40 15.17
C GLY B 540 8.27 27.48 16.19
N GLN B 541 7.43 26.68 16.84
CA GLN B 541 7.85 25.79 17.92
C GLN B 541 7.88 24.37 17.43
N SER B 542 8.34 23.45 18.27
CA SER B 542 8.62 22.08 17.86
C SER B 542 7.33 21.38 17.41
N LYS B 543 7.46 20.35 16.59
CA LYS B 543 6.29 19.60 16.22
C LYS B 543 5.70 18.91 17.40
N ALA B 544 6.50 18.55 18.40
CA ALA B 544 5.93 17.91 19.58
C ALA B 544 4.99 18.86 20.31
N ARG B 545 5.38 20.13 20.41
CA ARG B 545 4.58 21.08 21.17
C ARG B 545 3.34 21.46 20.38
N CYS B 546 3.53 21.67 19.06
CA CYS B 546 2.43 21.97 18.16
C CYS B 546 1.40 20.84 18.17
N ILE B 547 1.83 19.59 18.11
CA ILE B 547 0.92 18.47 18.10
C ILE B 547 0.13 18.45 19.39
N GLU B 548 0.83 18.45 20.51
CA GLU B 548 0.19 18.41 21.84
C GLU B 548 -0.83 19.53 22.06
N SER B 549 -0.54 20.71 21.52
CA SER B 549 -1.44 21.80 21.64
C SER B 549 -2.71 21.58 20.85
N LEU B 550 -2.57 21.04 19.64
CA LEU B 550 -3.70 20.80 18.77
C LEU B 550 -4.60 19.77 19.40
N LEU B 551 -4.00 18.67 19.81
CA LEU B 551 -4.78 17.58 20.35
C LEU B 551 -5.51 18.02 21.60
N ARG B 552 -4.88 18.89 22.37
CA ARG B 552 -5.47 19.39 23.61
C ARG B 552 -6.66 20.27 23.33
N ALA B 553 -6.45 21.25 22.44
CA ALA B 553 -7.52 22.13 22.02
C ALA B 553 -8.65 21.33 21.40
N ILE B 554 -8.31 20.34 20.58
CA ILE B 554 -9.36 19.49 20.03
C ILE B 554 -10.16 18.81 21.14
N HIS B 555 -9.46 18.17 22.06
CA HIS B 555 -10.11 17.25 22.99
C HIS B 555 -10.55 17.82 24.33
N PHE B 556 -10.29 19.11 24.54
CA PHE B 556 -10.66 19.77 25.78
C PHE B 556 -12.16 19.63 25.98
N PRO B 557 -12.62 19.41 27.23
CA PRO B 557 -11.99 19.24 28.53
C PRO B 557 -11.34 17.88 28.86
N GLN B 558 -11.33 16.91 27.93
CA GLN B 558 -10.55 15.70 28.14
C GLN B 558 -9.06 16.00 28.11
N PRO B 559 -8.28 15.37 29.00
CA PRO B 559 -6.81 15.51 28.93
C PRO B 559 -6.21 14.48 27.98
N LEU B 560 -5.01 14.77 27.47
CA LEU B 560 -4.30 13.81 26.64
C LEU B 560 -4.06 12.50 27.35
N SER B 561 -4.74 11.45 26.94
CA SER B 561 -4.34 10.12 27.34
C SER B 561 -3.33 9.61 26.37
N ASP B 562 -2.81 8.43 26.65
CA ASP B 562 -1.94 7.73 25.74
C ASP B 562 -2.77 7.28 24.56
N ASP B 563 -4.03 6.95 24.81
CA ASP B 563 -4.92 6.49 23.76
C ASP B 563 -5.20 7.56 22.73
N ILE B 564 -5.40 8.78 23.22
CA ILE B 564 -5.68 9.92 22.36
C ILE B 564 -4.42 10.21 21.55
N ARG B 565 -3.27 10.27 22.20
CA ARG B 565 -2.05 10.53 21.45
C ARG B 565 -1.90 9.54 20.31
N ALA B 566 -2.33 8.32 20.57
CA ALA B 566 -2.11 7.20 19.65
C ALA B 566 -3.24 6.96 18.66
N ALA B 567 -4.33 7.71 18.79
CA ALA B 567 -5.58 7.38 18.11
C ALA B 567 -5.45 7.73 16.68
N PRO B 568 -6.28 7.10 15.82
CA PRO B 568 -6.21 7.42 14.42
C PRO B 568 -6.80 8.82 14.17
N ILE B 569 -6.21 9.53 13.21
CA ILE B 569 -6.59 10.89 12.90
C ILE B 569 -8.09 11.10 12.74
N SER B 570 -8.84 10.09 12.29
CA SER B 570 -10.31 10.28 12.32
C SER B 570 -10.89 10.57 13.70
N CYS B 571 -10.27 10.05 14.75
CA CYS B 571 -10.69 10.40 16.13
C CYS B 571 -10.59 11.94 16.31
N HIS B 572 -9.46 12.50 15.93
CA HIS B 572 -9.30 13.93 16.09
C HIS B 572 -10.29 14.67 15.20
N VAL B 573 -10.45 14.18 13.99
CA VAL B 573 -11.32 14.84 13.06
C VAL B 573 -12.76 14.79 13.56
N GLN B 574 -13.26 13.63 13.96
CA GLN B 574 -14.64 13.54 14.44
C GLN B 574 -14.92 14.60 15.53
N VAL B 575 -14.01 14.71 16.48
CA VAL B 575 -14.18 15.64 17.59
C VAL B 575 -14.01 17.09 17.14
N ALA B 576 -12.90 17.37 16.46
CA ALA B 576 -12.57 18.72 16.01
C ALA B 576 -13.67 19.35 15.20
N HIS B 577 -14.21 18.58 14.28
CA HIS B 577 -15.20 19.04 13.31
C HIS B 577 -16.37 19.68 13.98
N GLU B 578 -16.66 19.25 15.23
CA GLU B 578 -17.81 19.74 15.96
C GLU B 578 -17.58 21.05 16.68
N LYS B 579 -16.40 21.64 16.62
CA LYS B 579 -16.00 22.71 17.57
C LYS B 579 -15.66 24.06 16.91
N GLU B 580 -15.44 25.08 17.74
CA GLU B 580 -15.12 26.42 17.24
C GLU B 580 -13.75 26.94 17.69
N GLN B 581 -13.11 27.70 16.80
CA GLN B 581 -11.80 28.29 17.03
C GLN B 581 -10.71 27.32 17.49
N VAL B 582 -10.83 26.03 17.14
CA VAL B 582 -9.84 25.06 17.58
C VAL B 582 -8.37 25.53 17.30
N ILE B 583 -8.10 25.91 16.06
CA ILE B 583 -6.75 26.18 15.70
C ILE B 583 -6.23 27.46 16.38
N PRO B 584 -7.05 28.50 16.46
CA PRO B 584 -6.52 29.70 17.18
C PRO B 584 -6.32 29.48 18.70
N ILE B 585 -7.24 28.80 19.36
CA ILE B 585 -6.97 28.35 20.72
C ILE B 585 -5.64 27.57 20.79
N ALA B 586 -5.46 26.61 19.90
CA ALA B 586 -4.22 25.82 19.85
C ALA B 586 -2.99 26.72 19.65
N LEU B 587 -3.10 27.77 18.84
CA LEU B 587 -1.98 28.69 18.63
C LEU B 587 -1.76 29.67 19.80
N LEU B 588 -2.83 30.06 20.47
CA LEU B 588 -2.68 30.95 21.61
C LEU B 588 -1.91 30.25 22.73
N SER B 589 -2.42 29.08 23.13
CA SER B 589 -1.74 28.17 24.05
C SER B 589 -0.23 28.08 23.80
N LEU B 590 0.13 27.89 22.53
CA LEU B 590 1.53 27.89 22.08
C LEU B 590 2.26 29.23 22.23
N LEU B 591 1.63 30.34 21.86
CA LEU B 591 2.33 31.63 21.94
C LEU B 591 2.47 32.07 23.41
N PHE B 592 1.44 31.89 24.20
CA PHE B 592 1.50 32.23 25.60
C PHE B 592 2.14 31.16 26.50
N ARG B 593 2.65 30.07 25.93
CA ARG B 593 3.17 28.99 26.75
C ARG B 593 2.19 28.71 27.87
N CYS B 594 0.90 28.74 27.55
CA CYS B 594 -0.17 28.60 28.54
C CYS B 594 -1.09 27.40 28.24
N SER B 595 -2.15 27.24 29.01
CA SER B 595 -3.07 26.10 28.84
C SER B 595 -4.31 26.44 28.02
N ILE B 596 -5.05 25.39 27.64
CA ILE B 596 -6.28 25.55 26.89
C ILE B 596 -7.17 26.46 27.71
N THR B 597 -7.41 26.08 28.95
CA THR B 597 -8.15 26.91 29.89
C THR B 597 -7.73 28.39 29.90
N GLU B 598 -6.44 28.63 30.01
CA GLU B 598 -5.94 30.02 29.96
C GLU B 598 -6.14 30.68 28.57
N ALA B 599 -5.89 29.93 27.50
CA ALA B 599 -6.08 30.42 26.11
C ALA B 599 -7.55 30.73 25.78
N GLN B 600 -8.48 29.86 26.17
CA GLN B 600 -9.91 30.09 25.94
C GLN B 600 -10.42 31.42 26.56
N ALA B 601 -10.07 31.62 27.81
CA ALA B 601 -10.45 32.81 28.52
C ALA B 601 -9.86 34.03 27.83
N HIS B 602 -8.65 33.87 27.29
CA HIS B 602 -8.03 34.98 26.61
C HIS B 602 -8.84 35.36 25.38
N LEU B 603 -9.17 34.38 24.56
CA LEU B 603 -10.00 34.60 23.38
C LEU B 603 -11.30 35.32 23.76
N ALA B 604 -12.13 34.64 24.53
CA ALA B 604 -13.44 35.16 24.94
C ALA B 604 -13.41 36.61 25.43
N ALA B 605 -12.28 37.08 25.93
CA ALA B 605 -12.16 38.45 26.42
C ALA B 605 -11.67 39.46 25.36
N ALA B 606 -10.96 38.98 24.34
CA ALA B 606 -10.55 39.86 23.24
C ALA B 606 -11.78 40.29 22.38
N PRO B 607 -11.62 41.27 21.48
CA PRO B 607 -12.81 41.69 20.70
C PRO B 607 -13.25 40.68 19.63
N SER B 608 -12.30 40.28 18.78
CA SER B 608 -12.54 39.36 17.67
C SER B 608 -11.53 38.24 17.78
N VAL B 609 -11.82 37.12 17.15
CA VAL B 609 -10.81 36.09 16.97
C VAL B 609 -9.55 36.68 16.34
N CYS B 610 -9.69 37.30 15.16
CA CYS B 610 -8.59 37.87 14.37
C CYS B 610 -7.68 38.81 15.17
N GLU B 611 -8.27 39.70 15.97
CA GLU B 611 -7.46 40.67 16.69
C GLU B 611 -6.64 40.01 17.83
N ALA B 612 -7.26 39.03 18.49
CA ALA B 612 -6.56 38.22 19.47
C ALA B 612 -5.35 37.58 18.83
N VAL B 613 -5.57 36.81 17.75
CA VAL B 613 -4.47 36.10 17.05
C VAL B 613 -3.38 37.06 16.57
N ARG B 614 -3.80 38.22 16.07
CA ARG B 614 -2.84 39.20 15.55
C ARG B 614 -2.04 39.97 16.64
N SER B 615 -2.62 40.19 17.82
CA SER B 615 -1.90 40.86 18.93
C SER B 615 -0.88 39.93 19.54
N ALA B 616 -1.24 38.67 19.62
CA ALA B 616 -0.34 37.65 20.13
C ALA B 616 0.83 37.46 19.17
N LEU B 617 0.57 37.43 17.89
CA LEU B 617 1.68 37.27 16.99
C LEU B 617 2.75 38.36 17.16
N ALA B 618 2.35 39.59 17.52
CA ALA B 618 3.30 40.75 17.65
C ALA B 618 4.27 40.74 18.86
C18 2UY C . 19.45 -5.35 5.50
C19 2UY C . 18.91 -4.14 5.96
C20 2UY C . 17.53 -3.91 5.83
C21 2UY C . 16.70 -4.86 5.24
C22 2UY C . 17.23 -6.06 4.78
C17 2UY C . 18.62 -6.32 4.90
N3 2UY C . 19.21 -7.47 4.49
C6 2UY C . 18.62 -8.45 3.80
N2 2UY C . 17.42 -8.26 3.27
C10 2UY C . 16.80 -9.19 2.53
S1 2UY C . 15.21 -8.88 1.90
O2 2UY C . 15.07 -7.46 1.34
O3 2UY C . 14.90 -9.97 0.92
C12 2UY C . 14.18 -9.04 3.28
C16 2UY C . 13.72 -10.31 3.63
C15 2UY C . 12.87 -10.45 4.74
C14 2UY C . 12.54 -9.30 5.46
N5 2UY C . 11.76 -9.41 6.52
N4 2UY C . 13.03 -8.08 5.09
C13 2UY C . 13.84 -7.92 4.04
C9 2UY C . 17.37 -10.43 2.30
C8 2UY C . 18.62 -10.68 2.83
C7 2UY C . 19.27 -9.68 3.59
C4 2UY C . 20.54 -9.97 4.15
C3 2UY C . 21.08 -11.28 4.11
C2 2UY C . 22.33 -11.54 4.68
N1 2UY C . 21.25 -9.00 4.78
C5 2UY C . 22.44 -9.20 5.33
C1 2UY C . 23.01 -10.48 5.30
C11 2UY C . 24.40 -10.68 5.94
C24 2UY C . 25.27 -11.54 5.02
F2 2UY C . 25.57 -10.80 3.95
F3 2UY C . 24.57 -12.59 4.59
F1 2UY C . 26.39 -11.96 5.67
C23 2UY C . 24.23 -11.30 7.34
O1 2UY C . 25.04 -9.39 6.03
C1 S6P D . 13.58 -21.67 2.92
C2 S6P D . 12.91 -22.16 1.66
C3 S6P D . 12.20 -21.02 0.97
C4 S6P D . 11.15 -20.47 1.90
C5 S6P D . 10.15 -19.67 1.08
C6 S6P D . 9.08 -19.07 1.98
O1 S6P D . 14.89 -22.18 2.82
O2 S6P D . 13.93 -22.70 0.80
O3 S6P D . 11.48 -21.52 -0.14
O4 S6P D . 10.45 -21.57 2.51
O5 S6P D . 10.88 -18.65 0.40
O6 S6P D . 9.62 -17.94 2.63
P S6P D . 8.98 -17.30 3.93
O1P S6P D . 10.02 -16.44 4.60
O2P S6P D . 7.62 -16.57 3.52
O3P S6P D . 8.61 -18.55 4.94
I IOD E . -4.62 -35.80 20.69
I IOD F . 31.43 -20.75 -2.70
I IOD G . 16.90 -13.28 18.40
I IOD H . 33.16 -35.60 9.50
I IOD I . 0.37 -32.72 25.59
I IOD J . 10.30 -21.37 -10.25
I IOD K . 14.48 3.34 -10.86
I IOD L . 24.03 -10.10 10.95
I IOD M . 19.98 3.53 -4.56
I IOD N . -8.19 -6.28 -2.07
I IOD O . 34.69 0.36 -2.11
I IOD P . 7.51 -12.35 29.27
C18 2UY Q . 5.04 19.50 4.68
C19 2UY Q . 6.11 18.70 4.30
C20 2UY Q . 5.87 17.43 3.77
C21 2UY Q . 4.56 16.94 3.63
C22 2UY Q . 3.49 17.76 3.99
C17 2UY Q . 3.71 19.06 4.52
N3 2UY Q . 2.71 19.91 4.90
C6 2UY Q . 1.40 19.78 4.66
N2 2UY Q . 0.86 18.57 4.48
C10 2UY Q . -0.43 18.37 4.25
S1 2UY Q . -1.01 16.76 3.95
O2 2UY Q . -0.20 15.74 4.73
O3 2UY Q . -2.48 16.60 4.26
C12 2UY Q . -0.74 16.59 2.23
C16 2UY Q . -1.62 17.11 1.28
C15 2UY Q . -1.31 16.95 -0.06
C14 2UY Q . -0.14 16.27 -0.41
N5 2UY Q . 0.19 16.08 -1.67
N4 2UY Q . 0.68 15.79 0.51
C13 2UY Q . 0.42 15.94 1.81
C9 2UY Q . -1.30 19.45 4.17
C8 2UY Q . -0.79 20.73 4.37
C7 2UY Q . 0.58 20.92 4.61
C4 2UY Q . 1.07 22.23 4.80
C3 2UY Q . 0.21 23.34 4.68
C2 2UY Q . 0.72 24.63 4.89
N1 2UY Q . 2.39 22.45 5.07
C5 2UY Q . 2.89 23.66 5.26
C1 2UY Q . 2.07 24.79 5.18
C11 2UY Q . 2.70 26.19 5.43
C24 2UY Q . 1.83 27.11 6.33
F2 2UY Q . 2.49 28.27 6.57
F3 2UY Q . 1.54 26.49 7.49
F1 2UY Q . 0.71 27.38 5.67
C23 2UY Q . 2.89 26.88 4.07
O1 2UY Q . 3.94 25.96 6.16
C1 S6P R . -10.39 23.07 -1.46
C2 S6P R . -11.77 22.47 -1.33
C3 S6P R . -11.77 20.99 -0.98
C4 S6P R . -11.12 20.13 -2.02
C5 S6P R . -11.17 18.66 -1.61
C6 S6P R . -10.48 17.74 -2.61
O1 S6P R . -10.57 24.52 -1.56
O2 S6P R . -12.48 23.23 -0.32
O3 S6P R . -13.10 20.55 -0.88
O4 S6P R . -11.90 20.25 -3.18
O5 S6P R . -10.62 18.47 -0.30
O6 S6P R . -9.13 18.07 -2.75
P S6P R . -8.26 17.36 -3.90
O1P S6P R . -6.88 17.81 -3.75
O2P S6P R . -8.95 17.86 -5.32
O3P S6P R . -8.38 15.79 -3.83
I IOD S . -17.61 22.61 -29.92
I IOD T . -7.39 34.39 12.62
I IOD U . 5.55 25.92 -9.19
I IOD V . -10.72 26.11 -30.10
I IOD W . -11.03 48.10 -0.38
I IOD X . -18.88 15.85 6.49
I IOD Y . 10.12 25.25 20.96
I IOD Z . 1.17 5.24 17.36
I IOD AA . 5.98 27.21 1.57
I IOD BA . 6.21 12.53 17.07
I IOD CA . -23.75 43.21 -21.95
I IOD DA . -8.93 -3.58 -5.00
I IOD EA . 12.09 24.85 16.85
C1 GOL FA . -15.12 28.10 11.88
O1 GOL FA . -14.63 28.37 10.55
C2 GOL FA . -13.99 27.55 12.79
O2 GOL FA . -13.49 28.58 13.63
C3 GOL FA . -14.47 26.43 13.71
O3 GOL FA . -14.65 25.17 13.05
C1 GOL GA . -16.72 -3.45 -10.15
O1 GOL GA . -17.91 -3.40 -10.94
C2 GOL GA . -15.77 -4.58 -10.50
O2 GOL GA . -15.84 -4.74 -11.92
C3 GOL GA . -14.38 -4.17 -10.00
O3 GOL GA . -13.34 -5.17 -10.00
S SO4 HA . -7.46 46.81 4.05
O1 SO4 HA . -6.11 47.24 4.48
O2 SO4 HA . -7.60 45.36 4.38
O3 SO4 HA . -7.67 47.01 2.58
O4 SO4 HA . -8.43 47.67 4.79
S SO4 IA . -28.72 23.34 -16.37
O1 SO4 IA . -27.76 22.31 -15.95
O2 SO4 IA . -29.90 23.27 -15.48
O3 SO4 IA . -28.17 24.72 -16.28
O4 SO4 IA . -29.12 23.00 -17.77
#